data_362D
# 
_entry.id   362D 
# 
_audit_conform.dict_name       mmcif_pdbx.dic 
_audit_conform.dict_version    5.375 
_audit_conform.dict_location   http://mmcif.pdb.org/dictionaries/ascii/mmcif_pdbx.dic 
# 
loop_
_database_2.database_id 
_database_2.database_code 
_database_2.pdbx_database_accession 
_database_2.pdbx_DOI 
PDB   362D         pdb_0000362d 10.2210/pdb362d/pdb 
RCSB  ZDF060       ?            ?                   
WWPDB D_1000178832 ?            ?                   
# 
_pdbx_database_PDB_obs_spr.id               SPRSDE 
_pdbx_database_PDB_obs_spr.date             1997-11-18 
_pdbx_database_PDB_obs_spr.pdb_id           362D 
_pdbx_database_PDB_obs_spr.replace_pdb_id   347D 
_pdbx_database_PDB_obs_spr.details          ? 
# 
_pdbx_database_status.status_code                     REL 
_pdbx_database_status.entry_id                        362D 
_pdbx_database_status.recvd_initial_deposition_date   1997-08-20 
_pdbx_database_status.deposit_site                    NDB 
_pdbx_database_status.process_site                    NDB 
_pdbx_database_status.status_code_sf                  REL 
_pdbx_database_status.status_code_mr                  ? 
_pdbx_database_status.SG_entry                        ? 
_pdbx_database_status.pdb_format_compatible           Y 
_pdbx_database_status.status_code_cs                  ? 
_pdbx_database_status.status_code_nmr_data            ? 
_pdbx_database_status.methods_development_category    ? 
# 
loop_
_audit_author.name 
_audit_author.pdbx_ordinal 
'Harper, N.A.'    1 
'Brannigan, J.A.' 2 
'Buck, M.'        3 
'Lewis, R.J.'     4 
'Moore, M.H.'     5 
'Schneider, B.'   6 
# 
_citation.id                        primary 
_citation.title                     'Structure of d(TGCGCA)2 and a comparison to other DNA hexamers.' 
_citation.journal_abbrev            'Acta Crystallogr.,Sect.D' 
_citation.journal_volume            54 
_citation.page_first                1273 
_citation.page_last                 1284 
_citation.year                      1998 
_citation.journal_id_ASTM           ABCRE6 
_citation.country                   DK 
_citation.journal_id_ISSN           0907-4449 
_citation.journal_id_CSD            0766 
_citation.book_publisher            ? 
_citation.pdbx_database_id_PubMed   10089504 
_citation.pdbx_database_id_DOI      10.1107/S0907444998002807 
# 
loop_
_citation_author.citation_id 
_citation_author.name 
_citation_author.ordinal 
_citation_author.identifier_ORCID 
primary 'Harper, A.'      1 ? 
primary 'Brannigan, J.A.' 2 ? 
primary 'Buck, M.'        3 ? 
primary 'Hewitt, L.'      4 ? 
primary 'Lewis, R.J.'     5 ? 
primary 'Moore, M.H.'     6 ? 
primary 'Schneider, B.'   7 ? 
# 
_cell.entry_id           362D 
_cell.length_a           21.162 
_cell.length_b           28.670 
_cell.length_c           44.335 
_cell.angle_alpha        90.00 
_cell.angle_beta         90.00 
_cell.angle_gamma        90.00 
_cell.Z_PDB              8 
_cell.pdbx_unique_axis   ? 
# 
_symmetry.entry_id                         362D 
_symmetry.space_group_name_H-M             'P 21 21 21' 
_symmetry.pdbx_full_space_group_name_H-M   ? 
_symmetry.cell_setting                     ? 
_symmetry.Int_Tables_number                19 
# 
loop_
_entity.id 
_entity.type 
_entity.src_method 
_entity.pdbx_description 
_entity.formula_weight 
_entity.pdbx_number_of_molecules 
_entity.pdbx_ec 
_entity.pdbx_mutation 
_entity.pdbx_fragment 
_entity.details 
1 polymer     syn 
;DNA (5'-D(*TP*GP*CP*GP*CP*A)-3')
;
1809.218 2  ? ? ? ? 
2 non-polymer syn 'COBALT HEXAMMINE(III)'            161.116  2  ? ? ? ? 
3 water       nat water                              18.015   78 ? ? ? ? 
# 
_entity_poly.entity_id                      1 
_entity_poly.type                           polydeoxyribonucleotide 
_entity_poly.nstd_linkage                   no 
_entity_poly.nstd_monomer                   no 
_entity_poly.pdbx_seq_one_letter_code       '(DT)(DG)(DC)(DG)(DC)(DA)' 
_entity_poly.pdbx_seq_one_letter_code_can   TGCGCA 
_entity_poly.pdbx_strand_id                 A,B 
_entity_poly.pdbx_target_identifier         ? 
# 
loop_
_entity_poly_seq.entity_id 
_entity_poly_seq.num 
_entity_poly_seq.mon_id 
_entity_poly_seq.hetero 
1 1 DT n 
1 2 DG n 
1 3 DC n 
1 4 DG n 
1 5 DC n 
1 6 DA n 
# 
_struct_ref.id                         1 
_struct_ref.entity_id                  1 
_struct_ref.db_name                    PDB 
_struct_ref.db_code                    362D 
_struct_ref.pdbx_db_accession          362D 
_struct_ref.pdbx_db_isoform            ? 
_struct_ref.pdbx_seq_one_letter_code   ? 
_struct_ref.pdbx_align_begin           ? 
# 
loop_
_struct_ref_seq.align_id 
_struct_ref_seq.ref_id 
_struct_ref_seq.pdbx_PDB_id_code 
_struct_ref_seq.pdbx_strand_id 
_struct_ref_seq.seq_align_beg 
_struct_ref_seq.pdbx_seq_align_beg_ins_code 
_struct_ref_seq.seq_align_end 
_struct_ref_seq.pdbx_seq_align_end_ins_code 
_struct_ref_seq.pdbx_db_accession 
_struct_ref_seq.db_align_beg 
_struct_ref_seq.pdbx_db_align_beg_ins_code 
_struct_ref_seq.db_align_end 
_struct_ref_seq.pdbx_db_align_end_ins_code 
_struct_ref_seq.pdbx_auth_seq_align_beg 
_struct_ref_seq.pdbx_auth_seq_align_end 
1 1 362D A 1 ? 6 ? 362D 1 ? 6  ? 1 6  
2 1 362D B 1 ? 6 ? 362D 7 ? 12 ? 7 12 
# 
loop_
_chem_comp.id 
_chem_comp.type 
_chem_comp.mon_nstd_flag 
_chem_comp.name 
_chem_comp.pdbx_synonyms 
_chem_comp.formula 
_chem_comp.formula_weight 
DA  'DNA linking' y "2'-DEOXYADENOSINE-5'-MONOPHOSPHATE" ? 'C10 H14 N5 O6 P' 331.222 
DC  'DNA linking' y "2'-DEOXYCYTIDINE-5'-MONOPHOSPHATE"  ? 'C9 H14 N3 O7 P'  307.197 
DG  'DNA linking' y "2'-DEOXYGUANOSINE-5'-MONOPHOSPHATE" ? 'C10 H14 N5 O7 P' 347.221 
DT  'DNA linking' y "THYMIDINE-5'-MONOPHOSPHATE"         ? 'C10 H15 N2 O8 P' 322.208 
HOH non-polymer   . WATER                                ? 'H2 O'            18.015  
NCO non-polymer   . 'COBALT HEXAMMINE(III)'              ? 'Co H18 N6 3'     161.116 
# 
_exptl.entry_id          362D 
_exptl.method            'X-RAY DIFFRACTION' 
_exptl.crystals_number   1 
# 
_exptl_crystal.id                    1 
_exptl_crystal.density_meas          ? 
_exptl_crystal.density_Matthews      2.00 
_exptl_crystal.density_percent_sol   38.0000 
_exptl_crystal.description           ? 
# 
_exptl_crystal_grow.crystal_id      1 
_exptl_crystal_grow.method          ? 
_exptl_crystal_grow.temp            ? 
_exptl_crystal_grow.temp_details    ? 
_exptl_crystal_grow.pH              6.00 
_exptl_crystal_grow.pdbx_details    'pH 6.00' 
_exptl_crystal_grow.pdbx_pH_range   ? 
# 
_diffrn.id                     1 
_diffrn.ambient_temp           120.00 
_diffrn.ambient_temp_details   ? 
_diffrn.crystal_id             1 
# 
_diffrn_detector.diffrn_id              1 
_diffrn_detector.detector               'IMAGE PLATE' 
_diffrn_detector.type                   MARRESEARCH 
_diffrn_detector.pdbx_collection_date   1995-09-01 
_diffrn_detector.details                ? 
# 
_diffrn_radiation.diffrn_id                        1 
_diffrn_radiation.wavelength_id                    1 
_diffrn_radiation.pdbx_monochromatic_or_laue_m_l   M 
_diffrn_radiation.monochromator                    ? 
_diffrn_radiation.pdbx_diffrn_protocol             ? 
_diffrn_radiation.pdbx_scattering_type             x-ray 
# 
_diffrn_radiation_wavelength.id           1 
_diffrn_radiation_wavelength.wavelength   0.87 
_diffrn_radiation_wavelength.wt           1.0 
# 
_diffrn_source.diffrn_id                   1 
_diffrn_source.source                      SYNCHROTRON 
_diffrn_source.type                        'SRS BEAMLINE PX9.6' 
_diffrn_source.pdbx_synchrotron_site       SRS 
_diffrn_source.pdbx_synchrotron_beamline   PX9.6 
_diffrn_source.pdbx_wavelength             0.87 
_diffrn_source.pdbx_wavelength_list        ? 
# 
_reflns.entry_id                     362D 
_reflns.observed_criterion_sigma_I   ? 
_reflns.observed_criterion_sigma_F   ? 
_reflns.d_resolution_low             24.000 
_reflns.d_resolution_high            1.300 
_reflns.number_obs                   7024 
_reflns.number_all                   ? 
_reflns.percent_possible_obs         99.200 
_reflns.pdbx_Rmerge_I_obs            0.0430000 
_reflns.pdbx_Rsym_value              ? 
_reflns.pdbx_netI_over_sigmaI        20.0000 
_reflns.B_iso_Wilson_estimate        ? 
_reflns.pdbx_redundancy              4.000 
_reflns.pdbx_diffrn_id               1 
_reflns.pdbx_ordinal                 1 
# 
_reflns_shell.d_res_high             1.300 
_reflns_shell.d_res_low              1.320 
_reflns_shell.percent_possible_all   87.40 
_reflns_shell.Rmerge_I_obs           0.0780000 
_reflns_shell.pdbx_Rsym_value        ? 
_reflns_shell.meanI_over_sigI_obs    23.60 
_reflns_shell.pdbx_redundancy        4.000 
_reflns_shell.pdbx_diffrn_id         ? 
_reflns_shell.pdbx_ordinal           1 
# 
_refine.entry_id                                 362D 
_refine.ls_number_reflns_obs                     7005 
_refine.ls_number_reflns_all                     7005 
_refine.pdbx_ls_sigma_I                          ? 
_refine.pdbx_ls_sigma_F                          0.000 
_refine.pdbx_data_cutoff_high_absF               ? 
_refine.pdbx_data_cutoff_low_absF                ? 
_refine.pdbx_data_cutoff_high_rms_absF           ? 
_refine.ls_d_res_low                             10.000 
_refine.ls_d_res_high                            1.300 
_refine.ls_percent_reflns_obs                    ? 
_refine.ls_R_factor_obs                          0.1170000 
_refine.ls_R_factor_all                          0.1200000 
_refine.ls_R_factor_R_work                       ? 
_refine.ls_R_factor_R_free                       0.1730000 
_refine.ls_R_factor_R_free_error                 ? 
_refine.ls_R_factor_R_free_error_details         ? 
_refine.ls_percent_reflns_R_free                 10.000 
_refine.ls_number_reflns_R_free                  7005 
_refine.ls_number_parameters                     3018 
_refine.ls_number_restraints                     2782 
_refine.occupancy_min                            ? 
_refine.occupancy_max                            ? 
_refine.B_iso_mean                               ? 
_refine.aniso_B[1][1]                            ? 
_refine.aniso_B[2][2]                            ? 
_refine.aniso_B[3][3]                            ? 
_refine.aniso_B[1][2]                            ? 
_refine.aniso_B[1][3]                            ? 
_refine.aniso_B[2][3]                            ? 
_refine.solvent_model_details                    'MOEWS & KRETSINGER, J.MOL.BIOL.91(1973)201' 
_refine.solvent_model_param_ksol                 ? 
_refine.solvent_model_param_bsol                 ? 
_refine.pdbx_ls_cross_valid_method               ? 
_refine.details                                  
'RESTRAINED ANISOTROPIC REFINEMENT OF NON-HYDROGEN ATOMS. ANISOTROPIC REFINEMENT REDUCED FREE R (NO CUTOFF) BY 1.4%.' 
_refine.pdbx_starting_model                      'MODIFIED NDB ENTRY ZDF002 (PDB ENTRY 1DCG)' 
_refine.pdbx_method_to_determine_struct          'MOLECULAR REPLACEMENT' 
_refine.pdbx_isotropic_thermal_model             ? 
_refine.pdbx_stereochemistry_target_values       ? 
_refine.pdbx_stereochem_target_val_spec_case     ? 
_refine.pdbx_R_Free_selection_details            ? 
_refine.pdbx_overall_ESU_R                       ? 
_refine.pdbx_overall_ESU_R_Free                  ? 
_refine.overall_SU_ML                            ? 
_refine.overall_SU_B                             ? 
_refine.pdbx_refine_id                           'X-RAY DIFFRACTION' 
_refine.pdbx_diffrn_id                           1 
_refine.pdbx_TLS_residual_ADP_flag               ? 
_refine.correlation_coeff_Fo_to_Fc               ? 
_refine.correlation_coeff_Fo_to_Fc_free          ? 
_refine.pdbx_solvent_vdw_probe_radii             ? 
_refine.pdbx_solvent_ion_probe_radii             ? 
_refine.pdbx_solvent_shrinkage_radii             ? 
_refine.pdbx_overall_phase_error                 ? 
_refine.overall_SU_R_Cruickshank_DPI             ? 
_refine.pdbx_overall_SU_R_free_Cruickshank_DPI   ? 
_refine.pdbx_overall_SU_R_Blow_DPI               ? 
_refine.pdbx_overall_SU_R_free_Blow_DPI          ? 
# 
_refine_analyze.entry_id                        362D 
_refine_analyze.Luzzati_coordinate_error_obs    ? 
_refine_analyze.Luzzati_sigma_a_obs             ? 
_refine_analyze.Luzzati_d_res_low_obs           ? 
_refine_analyze.Luzzati_coordinate_error_free   ? 
_refine_analyze.Luzzati_sigma_a_free            ? 
_refine_analyze.Luzzati_d_res_low_free          ? 
_refine_analyze.number_disordered_residues      1 
_refine_analyze.occupancy_sum_hydrogen          138.00 
_refine_analyze.occupancy_sum_non_hydrogen      332.00 
_refine_analyze.pdbx_refine_id                  'X-RAY DIFFRACTION' 
# 
_refine_hist.pdbx_refine_id                   'X-RAY DIFFRACTION' 
_refine_hist.cycle_id                         LAST 
_refine_hist.pdbx_number_atoms_protein        0 
_refine_hist.pdbx_number_atoms_nucleic_acid   243 
_refine_hist.pdbx_number_atoms_ligand         14 
_refine_hist.number_atoms_solvent             78 
_refine_hist.number_atoms_total               335 
_refine_hist.d_res_high                       1.300 
_refine_hist.d_res_low                        10.000 
# 
loop_
_refine_ls_restr.type 
_refine_ls_restr.dev_ideal 
_refine_ls_restr.dev_ideal_target 
_refine_ls_restr.weight 
_refine_ls_restr.number 
_refine_ls_restr.pdbx_refine_id 
_refine_ls_restr.pdbx_restraint_function 
s_bond_d               0.000 ? ? ? 'X-RAY DIFFRACTION' ? 
s_angle_d              0.000 ? ? ? 'X-RAY DIFFRACTION' ? 
s_similar_dist         0.000 ? ? ? 'X-RAY DIFFRACTION' ? 
s_from_restr_planes    0.000 ? ? ? 'X-RAY DIFFRACTION' ? 
s_zero_chiral_vol      0.000 ? ? ? 'X-RAY DIFFRACTION' ? 
s_non_zero_chiral_vol  0.000 ? ? ? 'X-RAY DIFFRACTION' ? 
s_anti_bump_dis_restr  0.016 ? ? ? 'X-RAY DIFFRACTION' ? 
s_rigid_bond_adp_cmpnt 0.005 ? ? ? 'X-RAY DIFFRACTION' ? 
s_similar_adp_cmpnt    0.022 ? ? ? 'X-RAY DIFFRACTION' ? 
s_approx_iso_adps      0.065 ? ? ? 'X-RAY DIFFRACTION' ? 
# 
_pdbx_refine.entry_id                                    362D 
_pdbx_refine.R_factor_all_no_cutoff                      0.1170000 
_pdbx_refine.R_factor_obs_no_cutoff                      0.1200000 
_pdbx_refine.free_R_factor_no_cutoff                     0.1730000 
_pdbx_refine.free_R_val_test_set_size_perc_no_cutoff     10.000 
_pdbx_refine.free_R_val_test_set_ct_no_cutoff            695.00 
_pdbx_refine.R_factor_all_4sig_cutoff                    ? 
_pdbx_refine.R_factor_obs_4sig_cutoff                    ? 
_pdbx_refine.free_R_factor_4sig_cutoff                   ? 
_pdbx_refine.free_R_val_test_set_size_perc_4sig_cutoff   ? 
_pdbx_refine.free_R_val_test_set_ct_4sig_cutoff          ? 
_pdbx_refine.number_reflns_obs_4sig_cutoff               ? 
_pdbx_refine.pdbx_refine_id                              'X-RAY DIFFRACTION' 
_pdbx_refine.free_R_error_no_cutoff                      ? 
# 
_struct.entry_id                  362D 
_struct.title                     'THE STRUCTURE OF D(TGCGCA)2 AND A COMPARISON TO OTHER Z-DNA HEXAMERS' 
_struct.pdbx_model_details        ? 
_struct.pdbx_CASP_flag            ? 
_struct.pdbx_model_type_details   ? 
# 
_struct_keywords.entry_id        362D 
_struct_keywords.pdbx_keywords   DNA 
_struct_keywords.text            'Z-DNA, DOUBLE HELIX, DNA' 
# 
loop_
_struct_asym.id 
_struct_asym.pdbx_blank_PDB_chainid_flag 
_struct_asym.pdbx_modified 
_struct_asym.entity_id 
_struct_asym.details 
A N N 1 ? 
B N N 1 ? 
C N N 2 ? 
D N N 2 ? 
E N N 3 ? 
F N N 3 ? 
# 
_struct_biol.id   1 
# 
loop_
_struct_conn.id 
_struct_conn.conn_type_id 
_struct_conn.pdbx_leaving_atom_flag 
_struct_conn.pdbx_PDB_id 
_struct_conn.ptnr1_label_asym_id 
_struct_conn.ptnr1_label_comp_id 
_struct_conn.ptnr1_label_seq_id 
_struct_conn.ptnr1_label_atom_id 
_struct_conn.pdbx_ptnr1_label_alt_id 
_struct_conn.pdbx_ptnr1_PDB_ins_code 
_struct_conn.pdbx_ptnr1_standard_comp_id 
_struct_conn.ptnr1_symmetry 
_struct_conn.ptnr2_label_asym_id 
_struct_conn.ptnr2_label_comp_id 
_struct_conn.ptnr2_label_seq_id 
_struct_conn.ptnr2_label_atom_id 
_struct_conn.pdbx_ptnr2_label_alt_id 
_struct_conn.pdbx_ptnr2_PDB_ins_code 
_struct_conn.ptnr1_auth_asym_id 
_struct_conn.ptnr1_auth_comp_id 
_struct_conn.ptnr1_auth_seq_id 
_struct_conn.ptnr2_auth_asym_id 
_struct_conn.ptnr2_auth_comp_id 
_struct_conn.ptnr2_auth_seq_id 
_struct_conn.ptnr2_symmetry 
_struct_conn.pdbx_ptnr3_label_atom_id 
_struct_conn.pdbx_ptnr3_label_seq_id 
_struct_conn.pdbx_ptnr3_label_comp_id 
_struct_conn.pdbx_ptnr3_label_asym_id 
_struct_conn.pdbx_ptnr3_label_alt_id 
_struct_conn.pdbx_ptnr3_PDB_ins_code 
_struct_conn.details 
_struct_conn.pdbx_dist_value 
_struct_conn.pdbx_value_order 
_struct_conn.pdbx_role 
hydrog1  hydrog ? ? A DT 1 N3 ? ? ? 1_555 B DA 6 N1 ? ? A DT 1 B DA 12 1_555 ? ? ? ? ? ? WATSON-CRICK ? ? ? 
hydrog2  hydrog ? ? A DT 1 O4 ? ? ? 1_555 B DA 6 N6 ? ? A DT 1 B DA 12 1_555 ? ? ? ? ? ? WATSON-CRICK ? ? ? 
hydrog3  hydrog ? ? A DG 2 N1 ? ? ? 1_555 B DC 5 N3 ? ? A DG 2 B DC 11 1_555 ? ? ? ? ? ? WATSON-CRICK ? ? ? 
hydrog4  hydrog ? ? A DG 2 N2 ? ? ? 1_555 B DC 5 O2 ? ? A DG 2 B DC 11 1_555 ? ? ? ? ? ? WATSON-CRICK ? ? ? 
hydrog5  hydrog ? ? A DG 2 O6 ? ? ? 1_555 B DC 5 N4 ? ? A DG 2 B DC 11 1_555 ? ? ? ? ? ? WATSON-CRICK ? ? ? 
hydrog6  hydrog ? ? A DC 3 N3 ? ? ? 1_555 B DG 4 N1 ? ? A DC 3 B DG 10 1_555 ? ? ? ? ? ? WATSON-CRICK ? ? ? 
hydrog7  hydrog ? ? A DC 3 N4 ? ? ? 1_555 B DG 4 O6 ? ? A DC 3 B DG 10 1_555 ? ? ? ? ? ? WATSON-CRICK ? ? ? 
hydrog8  hydrog ? ? A DC 3 O2 ? ? ? 1_555 B DG 4 N2 ? ? A DC 3 B DG 10 1_555 ? ? ? ? ? ? WATSON-CRICK ? ? ? 
hydrog9  hydrog ? ? A DG 4 N1 ? ? ? 1_555 B DC 3 N3 ? ? A DG 4 B DC 9  1_555 ? ? ? ? ? ? WATSON-CRICK ? ? ? 
hydrog10 hydrog ? ? A DG 4 N2 ? ? ? 1_555 B DC 3 O2 ? ? A DG 4 B DC 9  1_555 ? ? ? ? ? ? WATSON-CRICK ? ? ? 
hydrog11 hydrog ? ? A DG 4 O6 ? ? ? 1_555 B DC 3 N4 ? ? A DG 4 B DC 9  1_555 ? ? ? ? ? ? WATSON-CRICK ? ? ? 
hydrog12 hydrog ? ? A DC 5 N3 ? ? ? 1_555 B DG 2 N1 ? ? A DC 5 B DG 8  1_555 ? ? ? ? ? ? WATSON-CRICK ? ? ? 
hydrog13 hydrog ? ? A DC 5 N4 ? ? ? 1_555 B DG 2 O6 ? ? A DC 5 B DG 8  1_555 ? ? ? ? ? ? WATSON-CRICK ? ? ? 
hydrog14 hydrog ? ? A DC 5 O2 ? ? ? 1_555 B DG 2 N2 ? ? A DC 5 B DG 8  1_555 ? ? ? ? ? ? WATSON-CRICK ? ? ? 
hydrog15 hydrog ? ? A DA 6 N1 ? ? ? 1_555 B DT 1 N3 ? ? A DA 6 B DT 7  1_555 ? ? ? ? ? ? WATSON-CRICK ? ? ? 
hydrog16 hydrog ? ? A DA 6 N6 ? ? ? 1_555 B DT 1 O4 ? ? A DA 6 B DT 7  1_555 ? ? ? ? ? ? WATSON-CRICK ? ? ? 
# 
_struct_conn_type.id          hydrog 
_struct_conn_type.criteria    ? 
_struct_conn_type.reference   ? 
# 
loop_
_struct_site.id 
_struct_site.pdbx_evidence_code 
_struct_site.pdbx_auth_asym_id 
_struct_site.pdbx_auth_comp_id 
_struct_site.pdbx_auth_seq_id 
_struct_site.pdbx_auth_ins_code 
_struct_site.pdbx_num_residues 
_struct_site.details 
AC1 Software A NCO 13 ? 9 'BINDING SITE FOR RESIDUE NCO A 13' 
AC2 Software A NCO 14 ? 9 'BINDING SITE FOR RESIDUE NCO A 14' 
# 
loop_
_struct_site_gen.id 
_struct_site_gen.site_id 
_struct_site_gen.pdbx_num_res 
_struct_site_gen.label_comp_id 
_struct_site_gen.label_asym_id 
_struct_site_gen.label_seq_id 
_struct_site_gen.pdbx_auth_ins_code 
_struct_site_gen.auth_comp_id 
_struct_site_gen.auth_asym_id 
_struct_site_gen.auth_seq_id 
_struct_site_gen.label_atom_id 
_struct_site_gen.label_alt_id 
_struct_site_gen.symmetry 
_struct_site_gen.details 
1  AC1 9 DG  A 4 ? DG  A 4  . ? 4_545 ? 
2  AC1 9 DA  A 6 ? DA  A 6  . ? 1_555 ? 
3  AC1 9 NCO D . ? NCO A 14 . ? 1_655 ? 
4  AC1 9 HOH E . ? HOH A 29 . ? 1_555 ? 
5  AC1 9 HOH E . ? HOH A 44 . ? 1_555 ? 
6  AC1 9 HOH E . ? HOH A 71 . ? 1_555 ? 
7  AC1 9 DA  B 6 ? DA  B 12 . ? 1_555 ? 
8  AC1 9 HOH F . ? HOH B 32 . ? 1_555 ? 
9  AC1 9 HOH F . ? HOH B 74 . ? 1_555 ? 
10 AC2 9 DC  A 3 ? DC  A 3  . ? 1_555 ? 
11 AC2 9 DG  A 4 ? DG  A 4  . ? 1_555 ? 
12 AC2 9 NCO C . ? NCO A 13 . ? 1_455 ? 
13 AC2 9 HOH E . ? HOH A 49 . ? 1_555 ? 
14 AC2 9 DG  B 2 ? DG  B 8  . ? 4_455 ? 
15 AC2 9 DC  B 3 ? DC  B 9  . ? 4_455 ? 
16 AC2 9 HOH F . ? HOH B 23 . ? 1_555 ? 
17 AC2 9 HOH F . ? HOH B 33 . ? 1_455 ? 
18 AC2 9 HOH F . ? HOH B 54 . ? 1_455 ? 
# 
_atom_sites.entry_id                    362D 
_atom_sites.fract_transf_matrix[1][1]   -0.01878194 
_atom_sites.fract_transf_matrix[1][2]   0.02317214 
_atom_sites.fract_transf_matrix[1][3]   -0.03665140 
_atom_sites.fract_transf_matrix[2][1]   0.03173640 
_atom_sites.fract_transf_matrix[2][2]   0.01116845 
_atom_sites.fract_transf_matrix[2][3]   -0.00920222 
_atom_sites.fract_transf_matrix[3][1]   0.00268364 
_atom_sites.fract_transf_matrix[3][2]   -0.01828313 
_atom_sites.fract_transf_matrix[3][3]   -0.01293439 
_atom_sites.fract_transf_vector[1]      0.256429 
_atom_sites.fract_transf_vector[2]      0.023088 
_atom_sites.fract_transf_vector[3]      0.070152 
# 
loop_
_atom_type.symbol 
C  
CO 
N  
O  
P  
# 
loop_
_atom_site.group_PDB 
_atom_site.id 
_atom_site.type_symbol 
_atom_site.label_atom_id 
_atom_site.label_alt_id 
_atom_site.label_comp_id 
_atom_site.label_asym_id 
_atom_site.label_entity_id 
_atom_site.label_seq_id 
_atom_site.pdbx_PDB_ins_code 
_atom_site.Cartn_x 
_atom_site.Cartn_y 
_atom_site.Cartn_z 
_atom_site.occupancy 
_atom_site.B_iso_or_equiv 
_atom_site.pdbx_formal_charge 
_atom_site.auth_seq_id 
_atom_site.auth_comp_id 
_atom_site.auth_asym_id 
_atom_site.auth_atom_id 
_atom_site.pdbx_PDB_model_num 
ATOM   1   O  "O5'" . DT  A 1 1 ? 7.107   -9.294  -1.773  1.00 25.15 ? 1  DT  A "O5'" 1 
ATOM   2   C  "C5'" . DT  A 1 1 ? 6.497   -8.855  -0.550  1.00 17.43 ? 1  DT  A "C5'" 1 
ATOM   3   C  "C4'" . DT  A 1 1 ? 4.947   -8.959  -0.851  1.00 13.53 ? 1  DT  A "C4'" 1 
ATOM   4   O  "O4'" . DT  A 1 1 ? 4.548   -7.909  -1.769  1.00 11.18 ? 1  DT  A "O4'" 1 
ATOM   5   C  "C3'" . DT  A 1 1 ? 4.425   -10.263 -1.417  1.00 15.73 ? 1  DT  A "C3'" 1 
ATOM   6   O  "O3'" . DT  A 1 1 ? 3.012   -10.551 -0.850  1.00 18.39 ? 1  DT  A "O3'" 1 
ATOM   7   C  "C2'" . DT  A 1 1 ? 4.197   -9.919  -2.894  1.00 14.41 ? 1  DT  A "C2'" 1 
ATOM   8   C  "C1'" . DT  A 1 1 ? 3.784   -8.402  -2.829  1.00 11.92 ? 1  DT  A "C1'" 1 
ATOM   9   N  N1    . DT  A 1 1 ? 4.079   -7.715  -4.098  1.00 10.06 ? 1  DT  A N1    1 
ATOM   10  C  C2    . DT  A 1 1 ? 3.060   -7.498  -4.993  1.00 9.93  ? 1  DT  A C2    1 
ATOM   11  O  O2    . DT  A 1 1 ? 1.911   -7.805  -4.796  1.00 11.08 ? 1  DT  A O2    1 
ATOM   12  N  N3    . DT  A 1 1 ? 3.344   -6.829  -6.202  1.00 9.13  ? 1  DT  A N3    1 
ATOM   13  C  C4    . DT  A 1 1 ? 4.643   -6.457  -6.588  1.00 8.70  ? 1  DT  A C4    1 
ATOM   14  O  O4    . DT  A 1 1 ? 4.804   -5.912  -7.717  1.00 9.65  ? 1  DT  A O4    1 
ATOM   15  C  C5    . DT  A 1 1 ? 5.708   -6.723  -5.597  1.00 8.93  ? 1  DT  A C5    1 
ATOM   16  C  C7    . DT  A 1 1 ? 7.109   -6.283  -5.938  1.00 9.85  ? 1  DT  A C7    1 
ATOM   17  C  C6    . DT  A 1 1 ? 5.342   -7.314  -4.482  1.00 10.21 ? 1  DT  A C6    1 
ATOM   18  P  P     . DG  A 1 2 ? 2.852   -11.538 0.494   1.00 19.65 ? 2  DG  A P     1 
ATOM   19  O  OP1   . DG  A 1 2 ? 3.825   -12.690 0.341   1.00 26.43 ? 2  DG  A OP1   1 
ATOM   20  O  OP2   . DG  A 1 2 ? 1.365   -11.793 0.530   1.00 23.13 ? 2  DG  A OP2   1 
ATOM   21  O  "O5'" . DG  A 1 2 ? 3.135   -10.603 1.752   1.00 15.77 ? 2  DG  A "O5'" 1 
ATOM   22  C  "C5'" . DG  A 1 2 ? 2.344   -9.461  2.039   1.00 12.26 ? 2  DG  A "C5'" 1 
ATOM   23  C  "C4'" . DG  A 1 2 ? 3.080   -8.700  3.180   1.00 10.12 ? 2  DG  A "C4'" 1 
ATOM   24  O  "O4'" . DG  A 1 2 ? 4.444   -8.392  2.766   1.00 9.37  ? 2  DG  A "O4'" 1 
ATOM   25  C  "C3'" . DG  A 1 2 ? 2.437   -7.400  3.610   1.00 8.76  ? 2  DG  A "C3'" 1 
ATOM   26  O  "O3'" . DG  A 1 2 ? 1.577   -7.698  4.819   1.00 9.16  ? 2  DG  A "O3'" 1 
ATOM   27  C  "C2'" . DG  A 1 2 ? 3.625   -6.570  3.985   1.00 7.91  ? 2  DG  A "C2'" 1 
ATOM   28  C  "C1'" . DG  A 1 2 ? 4.812   -7.075  3.242   1.00 7.44  ? 2  DG  A "C1'" 1 
ATOM   29  N  N9    . DG  A 1 2 ? 5.311   -6.318  2.127   1.00 7.83  ? 2  DG  A N9    1 
ATOM   30  C  C8    . DG  A 1 2 ? 6.643   -5.826  1.993   1.00 8.16  ? 2  DG  A C8    1 
ATOM   31  N  N7    . DG  A 1 2 ? 6.826   -5.232  0.902   1.00 7.94  ? 2  DG  A N7    1 
ATOM   32  C  C5    . DG  A 1 2 ? 5.602   -5.214  0.250   1.00 7.01  ? 2  DG  A C5    1 
ATOM   33  C  C6    . DG  A 1 2 ? 5.192   -4.734  -0.985  1.00 6.80  ? 2  DG  A C6    1 
ATOM   34  O  O6    . DG  A 1 2 ? 5.933   -4.049  -1.795  1.00 8.38  ? 2  DG  A O6    1 
ATOM   35  N  N1    . DG  A 1 2 ? 3.882   -4.925  -1.270  1.00 6.69  ? 2  DG  A N1    1 
ATOM   36  C  C2    . DG  A 1 2 ? 3.005   -5.675  -0.429  1.00 6.33  ? 2  DG  A C2    1 
ATOM   37  N  N2    . DG  A 1 2 ? 1.788   -5.774  -1.028  1.00 7.00  ? 2  DG  A N2    1 
ATOM   38  N  N3    . DG  A 1 2 ? 3.353   -6.158  0.749   1.00 7.48  ? 2  DG  A N3    1 
ATOM   39  C  C4    . DG  A 1 2 ? 4.668   -5.927  0.980   1.00 7.75  ? 2  DG  A C4    1 
ATOM   40  P  P     . DC  A 1 3 ? 0.672   -6.586  5.638   1.00 9.31  ? 3  DC  A P     1 
ATOM   41  O  OP1   . DC  A 1 3 ? 1.496   -5.459  6.116   1.00 13.54 ? 3  DC  A OP1   1 
ATOM   42  O  OP2   . DC  A 1 3 ? -0.057  -7.300  6.689   1.00 9.39  ? 3  DC  A OP2   1 
ATOM   43  O  "O5'" . DC  A 1 3 ? -0.259  -6.091  4.399   1.00 7.33  ? 3  DC  A "O5'" 1 
ATOM   44  C  "C5'" . DC  A 1 3 ? -1.371  -5.288  4.717   1.00 6.62  ? 3  DC  A "C5'" 1 
ATOM   45  C  "C4'" . DC  A 1 3 ? -1.831  -4.498  3.492   1.00 4.05  ? 3  DC  A "C4'" 1 
ATOM   46  O  "O4'" . DC  A 1 3 ? -0.819  -3.478  3.269   1.00 3.76  ? 3  DC  A "O4'" 1 
ATOM   47  C  "C3'" . DC  A 1 3 ? -1.929  -5.271  2.189   1.00 5.78  ? 3  DC  A "C3'" 1 
ATOM   48  O  "O3'" . DC  A 1 3 ? -3.132  -4.851  1.412   1.00 6.23  ? 3  DC  A "O3'" 1 
ATOM   49  C  "C2'" . DC  A 1 3 ? -0.688  -4.894  1.392   1.00 5.71  ? 3  DC  A "C2'" 1 
ATOM   50  C  "C1'" . DC  A 1 3 ? -0.455  -3.482  1.865   1.00 3.73  ? 3  DC  A "C1'" 1 
ATOM   51  N  N1    . DC  A 1 3 ? 0.989   -3.038  1.680   1.00 3.94  ? 3  DC  A N1    1 
ATOM   52  C  C2    . DC  A 1 3 ? 1.378   -2.408  0.552   1.00 3.28  ? 3  DC  A C2    1 
ATOM   53  O  O2    . DC  A 1 3 ? 0.515   -2.184  -0.358  1.00 4.52  ? 3  DC  A O2    1 
ATOM   54  N  N3    . DC  A 1 3 ? 2.695   -2.040  0.383   1.00 3.44  ? 3  DC  A N3    1 
ATOM   55  C  C4    . DC  A 1 3 ? 3.528   -2.294  1.413   1.00 3.21  ? 3  DC  A C4    1 
ATOM   56  N  N4    . DC  A 1 3 ? 4.869   -1.920  1.269   1.00 3.92  ? 3  DC  A N4    1 
ATOM   57  C  C5    . DC  A 1 3 ? 3.180   -2.952  2.548   1.00 4.34  ? 3  DC  A C5    1 
ATOM   58  C  C6    . DC  A 1 3 ? 1.840   -3.330  2.719   1.00 3.98  ? 3  DC  A C6    1 
ATOM   59  P  P     . DG  A 1 4 ? -4.620  -5.512  1.578   1.00 7.20  ? 4  DG  A P     1 
ATOM   60  O  OP1   . DG  A 1 4 ? -4.538  -6.999  1.751   1.00 8.67  ? 4  DG  A OP1   1 
ATOM   61  O  OP2   . DG  A 1 4 ? -5.363  -4.981  0.409   1.00 9.64  ? 4  DG  A OP2   1 
ATOM   62  O  "O5'" . DG  A 1 4 ? -5.240  -4.859  2.956   1.00 6.21  ? 4  DG  A "O5'" 1 
ATOM   63  C  "C5'" . DG  A 1 4 ? -5.465  -3.424  3.077   1.00 5.14  ? 4  DG  A "C5'" 1 
ATOM   64  C  "C4'" . DG  A 1 4 ? -5.670  -3.077  4.528   1.00 4.71  ? 4  DG  A "C4'" 1 
ATOM   65  O  "O4'" . DG  A 1 4 ? -4.574  -3.533  5.318   1.00 4.52  ? 4  DG  A "O4'" 1 
ATOM   66  C  "C3'" . DG  A 1 4 ? -5.878  -1.605  4.832   1.00 5.61  ? 4  DG  A "C3'" 1 
ATOM   67  O  "O3'" . DG  A 1 4 ? -7.356  -1.287  4.750   1.00 5.38  ? 4  DG  A "O3'" 1 
ATOM   68  C  "C2'" . DG  A 1 4 ? -5.341  -1.478  6.220   1.00 6.37  ? 4  DG  A "C2'" 1 
ATOM   69  C  "C1'" . DG  A 1 4 ? -4.395  -2.636  6.472   1.00 3.98  ? 4  DG  A "C1'" 1 
ATOM   70  N  N9    . DG  A 1 4 ? -3.001  -2.341  6.567   1.00 4.28  ? 4  DG  A N9    1 
ATOM   71  C  C8    . DG  A 1 4 ? -2.112  -2.667  7.553   1.00 4.92  ? 4  DG  A C8    1 
ATOM   72  N  N7    . DG  A 1 4 ? -0.929  -2.308  7.277   1.00 5.52  ? 4  DG  A N7    1 
ATOM   73  C  C5    . DG  A 1 4 ? -0.965  -1.668  6.051   1.00 4.19  ? 4  DG  A C5    1 
ATOM   74  C  C6    . DG  A 1 4 ? 0.058   -1.057  5.273   1.00 3.73  ? 4  DG  A C6    1 
ATOM   75  O  O6    . DG  A 1 4 ? 1.297   -0.941  5.567   1.00 5.06  ? 4  DG  A O6    1 
ATOM   76  N  N1    . DG  A 1 4 ? -0.429  -0.542  4.100   1.00 3.83  ? 4  DG  A N1    1 
ATOM   77  C  C2    . DG  A 1 4 ? -1.763  -0.584  3.639   1.00 2.63  ? 4  DG  A C2    1 
ATOM   78  N  N2    . DG  A 1 4 ? -2.025  -0.020  2.446   1.00 3.64  ? 4  DG  A N2    1 
ATOM   79  N  N3    . DG  A 1 4 ? -2.722  -1.165  4.374   1.00 3.86  ? 4  DG  A N3    1 
ATOM   80  C  C4    . DG  A 1 4 ? -2.257  -1.708  5.582   1.00 3.35  ? 4  DG  A C4    1 
ATOM   81  P  P     . DC  A 1 5 ? -7.874  -0.130  3.766   1.00 4.85  ? 5  DC  A P     1 
ATOM   82  O  OP1   . DC  A 1 5 ? -9.354  -0.003  3.985   1.00 5.86  ? 5  DC  A OP1   1 
ATOM   83  O  OP2   . DC  A 1 5 ? -7.406  -0.424  2.357   1.00 5.50  ? 5  DC  A OP2   1 
ATOM   84  O  "O5'" . DC  A 1 5 ? -7.074  1.176   4.279   1.00 5.21  ? 5  DC  A "O5'" 1 
ATOM   85  C  "C5'" . DC  A 1 5 ? -7.633  2.498   4.107   1.00 5.22  ? 5  DC  A "C5'" 1 
ATOM   86  C  "C4'" . DC  A 1 5 ? -6.576  3.442   3.522   1.00 3.96  ? 5  DC  A "C4'" 1 
ATOM   87  O  "O4'" . DC  A 1 5 ? -5.529  3.611   4.481   1.00 3.95  ? 5  DC  A "O4'" 1 
ATOM   88  C  "C3'" . DC  A 1 5 ? -5.950  3.010   2.152   1.00 4.61  ? 5  DC  A "C3'" 1 
ATOM   89  O  "O3'" . DC  A 1 5 ? -5.901  4.140   1.274   1.00 5.00  ? 5  DC  A "O3'" 1 
ATOM   90  C  "C2'" . DC  A 1 5 ? -4.535  2.636   2.564   1.00 4.84  ? 5  DC  A "C2'" 1 
ATOM   91  C  "C1'" . DC  A 1 5 ? -4.265  3.587   3.779   1.00 4.73  ? 5  DC  A "C1'" 1 
ATOM   92  N  N1    . DC  A 1 5 ? -3.247  3.020   4.722   1.00 4.28  ? 5  DC  A N1    1 
ATOM   93  C  C2    . DC  A 1 5 ? -1.892  3.320   4.415   1.00 3.86  ? 5  DC  A C2    1 
ATOM   94  O  O2    . DC  A 1 5 ? -1.608  3.995   3.421   1.00 4.36  ? 5  DC  A O2    1 
ATOM   95  N  N3    . DC  A 1 5 ? -0.935  2.813   5.235   1.00 3.47  ? 5  DC  A N3    1 
ATOM   96  C  C4    . DC  A 1 5 ? -1.304  2.057   6.331   1.00 3.03  ? 5  DC  A C4    1 
ATOM   97  N  N4    . DC  A 1 5 ? -0.320  1.590   7.106   1.00 4.83  ? 5  DC  A N4    1 
ATOM   98  C  C5    . DC  A 1 5 ? -2.638  1.758   6.583   1.00 4.55  ? 5  DC  A C5    1 
ATOM   99  C  C6    . DC  A 1 5 ? -3.576  2.246   5.789   1.00 4.74  ? 5  DC  A C6    1 
ATOM   100 P  P     . DA  A 1 6 ? -7.086  4.438   0.182   1.00 5.78  ? 6  DA  A P     1 
ATOM   101 O  OP1   . DA  A 1 6 ? -7.593  3.166   -0.411  1.00 5.97  ? 6  DA  A OP1   1 
ATOM   102 O  OP2   . DA  A 1 6 ? -6.536  5.465   -0.729  1.00 7.63  ? 6  DA  A OP2   1 
ATOM   103 O  "O5'" . DA  A 1 6 ? -8.291  5.011   1.091   1.00 5.56  ? 6  DA  A "O5'" 1 
ATOM   104 C  "C5'" . DA  A 1 6 ? -8.110  6.332   1.768   1.00 7.85  ? 6  DA  A "C5'" 1 
ATOM   105 C  "C4'" . DA  A 1 6 ? -9.293  6.555   2.757   1.00 8.21  ? 6  DA  A "C4'" 1 
ATOM   106 O  "O4'" . DA  A 1 6 ? -9.195  5.557   3.804   1.00 6.58  ? 6  DA  A "O4'" 1 
ATOM   107 C  "C3'" . DA  A 1 6 ? -8.956  7.916   3.404   1.00 10.11 ? 6  DA  A "C3'" 1 
ATOM   108 O  "O3'" . DA  A 1 6 ? -9.425  9.087   2.766   1.00 13.18 ? 6  DA  A "O3'" 1 
ATOM   109 C  "C2'" . DA  A 1 6 ? -9.418  7.653   4.849   1.00 8.67  ? 6  DA  A "C2'" 1 
ATOM   110 C  "C1'" . DA  A 1 6 ? -9.473  6.220   5.096   1.00 6.72  ? 6  DA  A "C1'" 1 
ATOM   111 N  N9    . DA  A 1 6 ? -8.565  5.596   6.066   1.00 6.57  ? 6  DA  A N9    1 
ATOM   112 C  C8    . DA  A 1 6 ? -8.919  4.683   7.009   1.00 6.82  ? 6  DA  A C8    1 
ATOM   113 N  N7    . DA  A 1 6 ? -7.926  4.306   7.751   1.00 5.76  ? 6  DA  A N7    1 
ATOM   114 C  C5    . DA  A 1 6 ? -6.838  4.994   7.234   1.00 5.81  ? 6  DA  A C5    1 
ATOM   115 C  C6    . DA  A 1 6 ? -5.511  4.865   7.682   1.00 5.63  ? 6  DA  A C6    1 
ATOM   116 N  N6    . DA  A 1 6 ? -5.105  4.106   8.717   1.00 7.40  ? 6  DA  A N6    1 
ATOM   117 N  N1    . DA  A 1 6 ? -4.619  5.678   6.954   1.00 5.76  ? 6  DA  A N1    1 
ATOM   118 C  C2    . DA  A 1 6 ? -5.057  6.453   5.985   1.00 6.11  ? 6  DA  A C2    1 
ATOM   119 N  N3    . DA  A 1 6 ? -6.309  6.586   5.496   1.00 6.39  ? 6  DA  A N3    1 
ATOM   120 C  C4    . DA  A 1 6 ? -7.208  5.776   6.245   1.00 6.25  ? 6  DA  A C4    1 
ATOM   121 O  "O5'" . DT  B 1 1 ? 4.226   7.507   7.591   1.00 9.89  ? 7  DT  B "O5'" 1 
ATOM   122 C  "C5'" . DT  B 1 1 ? 4.592   7.426   6.267   1.00 6.88  ? 7  DT  B "C5'" 1 
ATOM   123 C  "C4'" . DT  B 1 1 ? 3.479   7.464   5.235   1.00 6.12  ? 7  DT  B "C4'" 1 
ATOM   124 O  "O4'" . DT  B 1 1 ? 2.524   6.387   5.602   1.00 6.34  ? 7  DT  B "O4'" 1 
ATOM   125 C  "C3'" . DT  B 1 1 ? 2.643   8.758   5.227   1.00 6.90  ? 7  DT  B "C3'" 1 
ATOM   126 O  "O3'" . DT  B 1 1 ? 2.213   9.123   3.899   1.00 8.59  ? 7  DT  B "O3'" 1 
ATOM   127 C  "C2'" . DT  B 1 1 ? 1.367   8.397   5.996   1.00 6.43  ? 7  DT  B "C2'" 1 
ATOM   128 C  "C1'" . DT  B 1 1 ? 1.180   6.931   5.630   1.00 5.47  ? 7  DT  B "C1'" 1 
ATOM   129 N  N1    . DT  B 1 1 ? 0.362   6.151   6.572   1.00 6.49  ? 7  DT  B N1    1 
ATOM   130 C  C2    . DT  B 1 1 ? -1.051  6.212   6.505   1.00 5.67  ? 7  DT  B C2    1 
ATOM   131 O  O2    . DT  B 1 1 ? -1.549  6.910   5.576   1.00 8.16  ? 7  DT  B O2    1 
ATOM   132 N  N3    . DT  B 1 1 ? -1.714  5.454   7.391   1.00 6.52  ? 7  DT  B N3    1 
ATOM   133 C  C4    . DT  B 1 1 ? -1.313  4.672   8.423   1.00 5.76  ? 7  DT  B C4    1 
ATOM   134 O  O4    . DT  B 1 1 ? -2.057  4.085   9.156   1.00 6.85  ? 7  DT  B O4    1 
ATOM   135 C  C5    . DT  B 1 1 ? 0.179   4.648   8.494   1.00 6.16  ? 7  DT  B C5    1 
ATOM   136 C  C7    . DT  B 1 1 ? 0.894   3.725   9.587   1.00 8.14  ? 7  DT  B C7    1 
ATOM   137 C  C6    . DT  B 1 1 ? 0.878   5.343   7.601   1.00 5.43  ? 7  DT  B C6    1 
ATOM   138 P  P     . DG  B 1 2 ? 3.178   10.121  3.007   1.00 10.52 ? 8  DG  B P     1 
ATOM   139 O  OP1   . DG  B 1 2 ? 3.783   11.198  3.857   1.00 13.36 ? 8  DG  B OP1   1 
ATOM   140 O  OP2   . DG  B 1 2 ? 2.361   10.509  1.820   1.00 13.25 ? 8  DG  B OP2   1 
ATOM   141 O  "O5'" . DG  B 1 2 ? 4.383   9.179   2.501   1.00 8.02  ? 8  DG  B "O5'" 1 
ATOM   142 C  "C5'" . DG  B 1 2 ? 4.212   7.987   1.643   1.00 6.75  ? 8  DG  B "C5'" 1 
ATOM   143 C  "C4'" . DG  B 1 2 ? 5.489   7.236   1.622   1.00 5.32  ? 8  DG  B "C4'" 1 
ATOM   144 O  "O4'" . DG  B 1 2 ? 5.844   6.838   2.971   1.00 4.64  ? 8  DG  B "O4'" 1 
ATOM   145 C  "C3'" . DG  B 1 2 ? 5.461   5.893   0.796   1.00 4.44  ? 8  DG  B "C3'" 1 
ATOM   146 O  "O3'" . DG  B 1 2 ? 5.970   6.263   -0.538  1.00 4.25  ? 8  DG  B "O3'" 1 
ATOM   147 C  "C2'" . DG  B 1 2 ? 6.343   4.971   1.581   1.00 4.18  ? 8  DG  B "C2'" 1 
ATOM   148 C  "C1'" . DG  B 1 2 ? 6.377   5.534   3.010   1.00 4.16  ? 8  DG  B "C1'" 1 
ATOM   149 N  N9    . DG  B 1 2 ? 5.651   4.701   3.972   1.00 3.72  ? 8  DG  B N9    1 
ATOM   150 C  C8    . DG  B 1 2 ? 6.162   4.210   5.135   1.00 4.24  ? 8  DG  B C8    1 
ATOM   151 N  N7    . DG  B 1 2 ? 5.301   3.552   5.895   1.00 3.30  ? 8  DG  B N7    1 
ATOM   152 C  C5    . DG  B 1 2 ? 4.123   3.670   5.115   1.00 3.70  ? 8  DG  B C5    1 
ATOM   153 C  C6    . DG  B 1 2 ? 2.786   3.134   5.489   1.00 2.89  ? 8  DG  B C6    1 
ATOM   154 O  O6    . DG  B 1 2 ? 2.430   2.494   6.511   1.00 4.04  ? 8  DG  B O6    1 
ATOM   155 N  N1    . DG  B 1 2 ? 1.891   3.489   4.537   1.00 3.50  ? 8  DG  B N1    1 
ATOM   156 C  C2    . DG  B 1 2 ? 2.147   4.243   3.365   1.00 3.13  ? 8  DG  B C2    1 
ATOM   157 N  N2    . DG  B 1 2 ? 1.066   4.501   2.545   1.00 5.15  ? 8  DG  B N2    1 
ATOM   158 N  N3    . DG  B 1 2 ? 3.339   4.693   3.065   1.00 3.07  ? 8  DG  B N3    1 
ATOM   159 C  C4    . DG  B 1 2 ? 4.275   4.384   3.988   1.00 2.77  ? 8  DG  B C4    1 
ATOM   160 P  P     . DC  B 1 3 ? 6.163   5.158   -1.718  1.00 4.58  ? 9  DC  B P     1 
ATOM   161 O  OP1   . DC  B 1 3 ? 7.076   4.014   -1.300  1.00 6.09  ? 9  DC  B OP1   1 
ATOM   162 O  OP2   . DC  B 1 3 ? 6.563   5.901   -2.950  1.00 4.56  ? 9  DC  B OP2   1 
ATOM   163 O  "O5'" . DC  B 1 3 ? 4.676   4.585   -1.854  1.00 4.88  ? 9  DC  B "O5'" 1 
ATOM   164 C  "C5'" . DC  B 1 3 ? 4.357   3.813   -3.031  1.00 4.07  ? 9  DC  B "C5'" 1 
ATOM   165 C  "C4'" . DC  B 1 3 ? 2.904   3.303   -2.869  1.00 4.23  ? 9  DC  B "C4'" 1 
ATOM   166 O  "O4'" . DC  B 1 3 ? 2.896   2.183   -1.933  1.00 4.04  ? 9  DC  B "O4'" 1 
ATOM   167 C  "C3'" . DC  B 1 3 ? 1.898   4.327   -2.444  1.00 3.94  ? 9  DC  B "C3'" 1 
ATOM   168 O  "O3'" . DC  B 1 3 ? 0.586   4.168   -3.120  1.00 4.51  ? 9  DC  B "O3'" 1 
ATOM   169 C  "C2'" . DC  B 1 3 ? 1.604   3.915   -0.963  1.00 4.14  ? 9  DC  B "C2'" 1 
ATOM   170 C  "C1'" . DC  B 1 3 ? 1.808   2.421   -0.956  1.00 3.39  ? 9  DC  B "C1'" 1 
ATOM   171 N  N1    . DC  B 1 3 ? 2.215   1.825   0.309   1.00 3.14  ? 9  DC  B N1    1 
ATOM   172 C  C2    . DC  B 1 3 ? 1.274   1.256   1.132   1.00 2.67  ? 9  DC  B C2    1 
ATOM   173 O  O2    . DC  B 1 3 ? 0.080   1.198   0.817   1.00 3.60  ? 9  DC  B O2    1 
ATOM   174 N  N3    . DC  B 1 3 ? 1.699   0.730   2.383   1.00 3.23  ? 9  DC  B N3    1 
ATOM   175 C  C4    . DC  B 1 3 ? 2.999   0.862   2.747   1.00 3.79  ? 9  DC  B C4    1 
ATOM   176 N  N4    . DC  B 1 3 ? 3.347   0.372   3.913   1.00 4.43  ? 9  DC  B N4    1 
ATOM   177 C  C5    . DC  B 1 3 ? 4.004   1.435   1.917   1.00 3.93  ? 9  DC  B C5    1 
ATOM   178 C  C6    . DC  B 1 3 ? 3.577   1.907   0.706   1.00 3.71  ? 9  DC  B C6    1 
ATOM   179 P  P     . DG  B 1 4 ? 0.290   4.976   -4.503  1.00 4.99  ? 10 DG  B P     1 
ATOM   180 O  OP1   . DG  B 1 4 ? 0.780   6.410   -4.408  1.00 6.06  ? 10 DG  B OP1   1 
ATOM   181 O  OP2   . DG  B 1 4 ? -1.128  4.703   -4.849  1.00 6.12  ? 10 DG  B OP2   1 
ATOM   182 O  "O5'" . DG  B 1 4 ? 1.220   4.291   -5.607  1.00 5.25  ? 10 DG  B "O5'" 1 
ATOM   183 C  "C5'" . DG  B 1 4 ? 1.018   2.897   -6.031  1.00 5.28  ? 10 DG  B "C5'" 1 
ATOM   184 C  "C4'" . DG  B 1 4 ? 2.078   2.485   -7.006  1.00 5.03  ? 10 DG  B "C4'" 1 
ATOM   185 O  "O4'" . DG  B 1 4 ? 3.387   2.574   -6.315  1.00 5.03  ? 10 DG  B "O4'" 1 
ATOM   186 C  "C3'" . DG  B 1 4 ? 1.965   1.018   -7.396  1.00 6.26  ? 10 DG  B "C3'" 1 
ATOM   187 O  "O3'" . DG  B 1 4 ? 1.121   0.942   -8.584  1.00 8.34  ? 10 DG  B "O3'" 1 
ATOM   188 C  "C2'" . DG  B 1 4 ? 3.376   0.538   -7.597  1.00 6.80  ? 10 DG  B "C2'" 1 
ATOM   189 C  "C1'" . DG  B 1 4 ? 4.228   1.472   -6.772  1.00 5.23  ? 10 DG  B "C1'" 1 
ATOM   190 N  N9    . DG  B 1 4 ? 4.825   0.960   -5.532  1.00 4.51  ? 10 DG  B N9    1 
ATOM   191 C  C8    . DG  B 1 4 ? 6.182   1.088   -5.201  1.00 4.99  ? 10 DG  B C8    1 
ATOM   192 N  N7    . DG  B 1 4 ? 6.473   0.573   -3.955  1.00 5.61  ? 10 DG  B N7    1 
ATOM   193 C  C5    . DG  B 1 4 ? 5.210   0.117   -3.463  1.00 4.48  ? 10 DG  B C5    1 
ATOM   194 C  C6    . DG  B 1 4 ? 4.926   -0.472  -2.224  1.00 4.44  ? 10 DG  B C6    1 
ATOM   195 O  O6    . DG  B 1 4 ? 5.640   -0.749  -1.273  1.00 5.25  ? 10 DG  B O6    1 
ATOM   196 N  N1    . DG  B 1 4 ? 3.519   -0.820  -2.178  1.00 3.88  ? 10 DG  B N1    1 
ATOM   197 C  C2    . DG  B 1 4 ? 2.631   -0.524  -3.184  1.00 4.66  ? 10 DG  B C2    1 
ATOM   198 N  N2    . DG  B 1 4 ? 1.310   -0.868  -2.893  1.00 4.15  ? 10 DG  B N2    1 
ATOM   199 N  N3    . DG  B 1 4 ? 2.847   0.028   -4.314  1.00 4.50  ? 10 DG  B N3    1 
ATOM   200 C  C4    . DG  B 1 4 ? 4.213   0.342   -4.456  1.00 4.54  ? 10 DG  B C4    1 
ATOM   201 P  P     A DC  B 1 5 ? -0.552  0.376   -8.412  0.56 9.20  ? 11 DC  B P     1 
ATOM   202 P  P     B DC  B 1 5 ? 0.899   -0.333  -9.532  0.44 8.08  ? 11 DC  B P     1 
ATOM   203 O  OP1   A DC  B 1 5 ? -1.146  0.731   -9.784  0.56 12.89 ? 11 DC  B OP1   1 
ATOM   204 O  OP1   B DC  B 1 5 ? 1.998   -1.384  -9.719  0.44 7.60  ? 11 DC  B OP1   1 
ATOM   205 O  OP2   A DC  B 1 5 ? -1.103  0.992   -7.191  0.56 9.95  ? 11 DC  B OP2   1 
ATOM   206 O  OP2   B DC  B 1 5 ? 0.190   0.151   -10.801 0.44 8.75  ? 11 DC  B OP2   1 
ATOM   207 O  "O5'" . DC  B 1 5 ? -0.228  -1.078  -8.409  1.00 7.69  ? 11 DC  B "O5'" 1 
ATOM   208 C  "C5'" . DC  B 1 5 ? -1.242  -2.012  -8.810  1.00 7.92  ? 11 DC  B "C5'" 1 
ATOM   209 C  "C4'" . DC  B 1 5 ? -1.567  -2.893  -7.618  1.00 7.77  ? 11 DC  B "C4'" 1 
ATOM   210 O  "O4'" . DC  B 1 5 ? -0.389  -3.696  -7.285  1.00 8.42  ? 11 DC  B "O4'" 1 
ATOM   211 C  "C3'" . DC  B 1 5 ? -2.074  -2.206  -6.340  1.00 8.73  ? 11 DC  B "C3'" 1 
ATOM   212 O  "O3'" . DC  B 1 5 ? -3.172  -2.883  -5.754  1.00 8.81  ? 11 DC  B "O3'" 1 
ATOM   213 C  "C2'" . DC  B 1 5 ? -0.826  -2.348  -5.472  1.00 9.14  ? 11 DC  B "C2'" 1 
ATOM   214 C  "C1'" . DC  B 1 5 ? -0.212  -3.724  -5.862  1.00 7.99  ? 11 DC  B "C1'" 1 
ATOM   215 N  N1    . DC  B 1 5 ? 1.278   -3.659  -5.597  1.00 7.03  ? 11 DC  B N1    1 
ATOM   216 C  C2    . DC  B 1 5 ? 1.751   -4.140  -4.341  1.00 5.83  ? 11 DC  B C2    1 
ATOM   217 O  O2    . DC  B 1 5 ? 0.958   -4.596  -3.516  1.00 7.48  ? 11 DC  B O2    1 
ATOM   218 N  N3    . DC  B 1 5 ? 3.082   -4.029  -4.046  1.00 6.01  ? 11 DC  B N3    1 
ATOM   219 C  C4    . DC  B 1 5 ? 3.956   -3.467  -4.930  1.00 6.81  ? 11 DC  B C4    1 
ATOM   220 N  N4    . DC  B 1 5 ? 5.254   -3.365  -4.651  1.00 6.91  ? 11 DC  B N4    1 
ATOM   221 C  C5    . DC  B 1 5 ? 3.457   -3.048  -6.227  1.00 7.74  ? 11 DC  B C5    1 
ATOM   222 C  C6    . DC  B 1 5 ? 2.170   -3.154  -6.465  1.00 7.07  ? 11 DC  B C6    1 
ATOM   223 P  P     . DA  B 1 6 ? -4.753  -2.486  -6.066  1.00 8.14  ? 12 DA  B P     1 
ATOM   224 O  OP1   . DA  B 1 6 ? -4.905  -0.990  -6.255  1.00 8.98  ? 12 DA  B OP1   1 
ATOM   225 O  OP2   . DA  B 1 6 ? -5.489  -3.193  -4.962  1.00 10.24 ? 12 DA  B OP2   1 
ATOM   226 O  "O5'" . DA  B 1 6 ? -5.061  -3.134  -7.466  1.00 7.93  ? 12 DA  B "O5'" 1 
ATOM   227 C  "C5'" . DA  B 1 6 ? -5.261  -4.516  -7.629  1.00 8.20  ? 12 DA  B "C5'" 1 
ATOM   228 C  "C4'" . DA  B 1 6 ? -5.229  -4.941  -9.081  1.00 8.74  ? 12 DA  B "C4'" 1 
ATOM   229 O  "O4'" . DA  B 1 6 ? -3.912  -4.530  -9.665  1.00 8.39  ? 12 DA  B "O4'" 1 
ATOM   230 C  "C3'" . DA  B 1 6 ? -5.384  -6.431  -9.383  1.00 9.92  ? 12 DA  B "C3'" 1 
ATOM   231 O  "O3'" . DA  B 1 6 ? -6.171  -6.646  -10.640 1.00 11.70 ? 12 DA  B "O3'" 1 
ATOM   232 C  "C2'" . DA  B 1 6 ? -3.981  -6.882  -9.782  1.00 10.75 ? 12 DA  B "C2'" 1 
ATOM   233 C  "C1'" . DA  B 1 6 ? -3.422  -5.646  -10.497 1.00 9.05  ? 12 DA  B "C1'" 1 
ATOM   234 N  N9    . DA  B 1 6 ? -1.951  -5.518  -10.457 1.00 9.60  ? 12 DA  B N9    1 
ATOM   235 C  C8    . DA  B 1 6 ? -1.221  -4.878  -11.487 1.00 10.28 ? 12 DA  B C8    1 
ATOM   236 N  N7    . DA  B 1 6 ? 0.070   -4.780  -11.301 1.00 9.54  ? 12 DA  B N7    1 
ATOM   237 C  C5    . DA  B 1 6 ? 0.230   -5.467  -10.046 1.00 8.38  ? 12 DA  B C5    1 
ATOM   238 C  C6    . DA  B 1 6 ? 1.349   -5.760  -9.224  1.00 7.67  ? 12 DA  B C6    1 
ATOM   239 N  N6    . DA  B 1 6 ? 2.568   -5.411  -9.610  1.00 9.68  ? 12 DA  B N6    1 
ATOM   240 N  N1    . DA  B 1 6 ? 1.192   -6.406  -8.090  1.00 9.70  ? 12 DA  B N1    1 
ATOM   241 C  C2    . DA  B 1 6 ? -0.091  -6.720  -7.715  1.00 9.65  ? 12 DA  B C2    1 
ATOM   242 N  N3    . DA  B 1 6 ? -1.196  -6.525  -8.406  1.00 10.11 ? 12 DA  B N3    1 
ATOM   243 C  C4    . DA  B 1 6 ? -1.012  -5.854  -9.555  1.00 8.30  ? 12 DA  B C4    1 
HETATM 244 CO CO    . NCO C 2 . ? -6.316  2.247   -4.086  1.00 8.08  ? 13 NCO A CO    1 
HETATM 245 N  N1    . NCO C 2 . ? -7.925  3.287   -3.646  1.00 10.84 ? 13 NCO A N1    1 
HETATM 246 N  N2    . NCO C 2 . ? -7.327  1.199   -5.447  1.00 12.75 ? 13 NCO A N2    1 
HETATM 247 N  N3    . NCO C 2 . ? -5.334  3.364   -2.781  1.00 9.60  ? 13 NCO A N3    1 
HETATM 248 N  N4    . NCO C 2 . ? -6.700  0.974   -2.773  1.00 15.32 ? 13 NCO A N4    1 
HETATM 249 N  N5    . NCO C 2 . ? -4.651  1.234   -4.435  1.00 10.32 ? 13 NCO A N5    1 
HETATM 250 N  N6    . NCO C 2 . ? -5.778  3.603   -5.525  1.00 9.83  ? 13 NCO A N6    1 
HETATM 251 CO CO    . NCO D 2 . ? 3.269   -2.876  8.332   1.00 10.11 ? 14 NCO A CO    1 
HETATM 252 N  N1    . NCO D 2 . ? 5.119   -2.104  7.989   1.00 10.14 ? 14 NCO A N1    1 
HETATM 253 N  N2    . NCO D 2 . ? 2.440   -1.011  8.287   1.00 8.21  ? 14 NCO A N2    1 
HETATM 254 N  N3    . NCO D 2 . ? 4.130   -4.667  8.405   1.00 14.12 ? 14 NCO A N3    1 
HETATM 255 N  N4    . NCO D 2 . ? 3.604   -2.555  10.261  1.00 13.06 ? 14 NCO A N4    1 
HETATM 256 N  N5    . NCO D 2 . ? 1.478   -3.638  8.648   1.00 10.74 ? 14 NCO A N5    1 
HETATM 257 N  N6    . NCO D 2 . ? 3.045   -3.114  6.359   1.00 8.82  ? 14 NCO A N6    1 
HETATM 258 O  O     . HOH E 3 . ? -4.123  1.191   -0.874  1.00 8.87  ? 24 HOH A O     1 
HETATM 259 O  O     . HOH E 3 . ? -4.840  -0.428  1.183   1.00 4.80  ? 25 HOH A O     1 
HETATM 260 O  O     . HOH E 3 . ? 6.772   -2.185  3.584   1.00 6.44  ? 26 HOH A O     1 
HETATM 261 O  O     . HOH E 3 . ? -8.870  0.937   0.433   1.00 9.43  ? 27 HOH A O     1 
HETATM 262 O  O     . HOH E 3 . ? -7.651  6.107   -4.800  1.00 11.34 ? 29 HOH A O     1 
HETATM 263 O  O     . HOH E 3 . ? -10.863 -1.622  2.363   1.00 13.30 ? 31 HOH A O     1 
HETATM 264 O  O     . HOH E 3 . ? -10.397 -0.265  -1.560  1.00 11.87 ? 34 HOH A O     1 
HETATM 265 O  O     . HOH E 3 . ? -12.462 -1.535  0.318   1.00 13.35 ? 35 HOH A O     1 
HETATM 266 O  O     . HOH E 3 . ? -4.530  -2.538  -0.547  1.00 8.32  ? 36 HOH A O     1 
HETATM 267 O  O     . HOH E 3 . ? -1.968  5.151   0.944   1.00 10.02 ? 37 HOH A O     1 
HETATM 268 O  O     . HOH E 3 . ? 8.849   -1.788  1.826   1.00 19.22 ? 38 HOH A O     1 
HETATM 269 O  O     . HOH E 3 . ? -4.076  6.564   -0.053  1.00 10.91 ? 41 HOH A O     1 
HETATM 270 O  O     . HOH E 3 . ? -0.476  -10.140 5.271   1.00 19.26 ? 43 HOH A O     1 
HETATM 271 O  O     . HOH E 3 . ? -2.950  -0.671  -2.760  1.00 15.54 ? 44 HOH A O     1 
HETATM 272 O  O     . HOH E 3 . ? 6.684   -4.266  -8.954  1.00 22.55 ? 45 HOH A O     1 
HETATM 273 O  O     . HOH E 3 . ? -1.927  -2.699  -1.519  1.00 18.86 ? 46 HOH A O     1 
HETATM 274 O  O     . HOH E 3 . ? 1.250   -0.908  10.918  1.00 15.34 ? 49 HOH A O     1 
HETATM 275 O  O     . HOH E 3 . ? -7.332  7.499   -2.411  1.00 12.72 ? 51 HOH A O     1 
HETATM 276 O  O     . HOH E 3 . ? -10.520 1.444   6.161   1.00 8.81  ? 53 HOH A O     1 
HETATM 277 O  O     . HOH E 3 . ? -0.216  -7.926  0.130   1.00 16.52 ? 55 HOH A O     1 
HETATM 278 O  O     . HOH E 3 . ? -8.790  -2.754  -1.728  1.00 17.21 ? 56 HOH A O     1 
HETATM 279 O  O     . HOH E 3 . ? -0.010  -10.183 -1.242  1.00 26.65 ? 60 HOH A O     1 
HETATM 280 O  O     . HOH E 3 . ? 8.698   -7.759  -2.387  1.00 27.12 ? 61 HOH A O     1 
HETATM 281 O  O     . HOH E 3 . ? -2.083  -8.445  -3.601  1.00 22.96 ? 63 HOH A O     1 
HETATM 282 O  O     . HOH E 3 . ? 5.840   -4.044  5.383   1.00 10.96 ? 65 HOH A O     1 
HETATM 283 O  O     . HOH E 3 . ? -3.447  7.672   -2.379  1.00 24.01 ? 68 HOH A O     1 
HETATM 284 O  O     . HOH E 3 . ? -10.139 1.314   -4.049  1.00 12.07 ? 71 HOH A O     1 
HETATM 285 O  O     . HOH E 3 . ? -8.604  -2.803  1.035   1.00 15.18 ? 76 HOH A O     1 
HETATM 286 O  O     . HOH E 3 . ? 0.145   -9.801  -3.504  1.00 20.26 ? 78 HOH A O     1 
HETATM 287 O  O     . HOH E 3 . ? -8.903  -1.612  -5.024  1.00 21.29 ? 79 HOH A O     1 
HETATM 288 O  O     . HOH E 3 . ? -4.277  7.953   2.293   1.00 36.36 ? 80 HOH A O     1 
HETATM 289 O  O     . HOH E 3 . ? -5.430  9.860   -2.531  1.00 28.23 ? 83 HOH A O     1 
HETATM 290 O  O     . HOH E 3 . ? -9.519  9.043   -1.686  1.00 29.24 ? 84 HOH A O     1 
HETATM 291 O  O     . HOH E 3 . ? 2.201   -15.488 0.760   1.00 36.46 ? 85 HOH A O     1 
HETATM 292 O  O     . HOH E 3 . ? -7.715  10.269  1.024   1.00 45.31 ? 86 HOH A O     1 
HETATM 293 O  O     . HOH E 3 . ? 6.785   -10.414 2.596   1.00 32.59 ? 91 HOH A O     1 
HETATM 294 O  O     . HOH F 3 . ? 5.347   8.281   -3.591  1.00 6.25  ? 15 HOH B O     1 
HETATM 295 O  O     . HOH F 3 . ? 7.091   1.512   -0.080  1.00 7.24  ? 16 HOH B O     1 
HETATM 296 O  O     . HOH F 3 . ? 2.599   8.420   -4.207  1.00 7.33  ? 17 HOH B O     1 
HETATM 297 O  O     . HOH F 3 . ? 4.557   4.791   8.478   1.00 8.71  ? 18 HOH B O     1 
HETATM 298 O  O     . HOH F 3 . ? -4.346  -2.007  -11.161 1.00 21.13 ? 19 HOH B O     1 
HETATM 299 O  O     . HOH F 3 . ? 0.430   6.777   0.637   1.00 10.00 ? 20 HOH B O     1 
HETATM 300 O  O     . HOH F 3 . ? -1.912  2.756   -0.330  1.00 7.05  ? 21 HOH B O     1 
HETATM 301 O  O     . HOH F 3 . ? -4.559  0.026   -8.843  1.00 24.04 ? 22 HOH B O     1 
HETATM 302 O  O     . HOH F 3 . ? 4.222   1.302   8.330   1.00 9.16  ? 23 HOH B O     1 
HETATM 303 O  O     . HOH F 3 . ? -2.229  2.827   -3.070  1.00 7.26  ? 28 HOH B O     1 
HETATM 304 O  O     . HOH F 3 . ? -1.103  0.569   -4.132  1.00 11.58 ? 30 HOH B O     1 
HETATM 305 O  O     . HOH F 3 . ? -6.133  -1.799  -2.620  1.00 12.74 ? 32 HOH B O     1 
HETATM 306 O  O     . HOH F 3 . ? -3.683  5.597   -4.344  1.00 10.96 ? 33 HOH B O     1 
HETATM 307 O  O     . HOH F 3 . ? -1.757  2.574   11.237  1.00 16.81 ? 39 HOH B O     1 
HETATM 308 O  O     . HOH F 3 . ? 4.372   2.959   10.594  1.00 16.73 ? 40 HOH B O     1 
HETATM 309 O  O     . HOH F 3 . ? -1.976  9.008   3.515   1.00 16.79 ? 42 HOH B O     1 
HETATM 310 O  O     . HOH F 3 . ? 4.249   10.047  8.491   1.00 21.18 ? 47 HOH B O     1 
HETATM 311 O  O     . HOH F 3 . ? -2.981  -6.946  -5.952  1.00 16.84 ? 48 HOH B O     1 
HETATM 312 O  O     . HOH F 3 . ? 6.919   -2.223  -6.834  1.00 15.67 ? 50 HOH B O     1 
HETATM 313 O  O     . HOH F 3 . ? 10.039  -0.802  -1.791  1.00 6.86  ? 52 HOH B O     1 
HETATM 314 O  O     . HOH F 3 . ? -1.351  6.035   -7.481  1.00 11.47 ? 54 HOH B O     1 
HETATM 315 O  O     . HOH F 3 . ? 3.434   -4.787  -12.384 1.00 24.21 ? 57 HOH B O     1 
HETATM 316 O  O     . HOH F 3 . ? -3.894  -5.348  -3.997  1.00 16.81 ? 58 HOH B O     1 
HETATM 317 O  O     . HOH F 3 . ? 6.300   11.065  10.154  1.00 23.21 ? 59 HOH B O     1 
HETATM 318 O  O     . HOH F 3 . ? 8.180   -2.137  -0.855  1.00 19.43 ? 62 HOH B O     1 
HETATM 319 O  O     . HOH F 3 . ? 9.872   -3.953  -1.887  1.00 6.57  ? 64 HOH B O     1 
HETATM 320 O  O     . HOH F 3 . ? -0.122  9.213   1.481   1.00 15.52 ? 66 HOH B O     1 
HETATM 321 O  O     . HOH F 3 . ? -1.372  4.323   -9.735  1.00 16.01 ? 67 HOH B O     1 
HETATM 322 O  O     . HOH F 3 . ? 9.352   1.045   -0.676  1.00 17.60 ? 69 HOH B O     1 
HETATM 323 O  O     . HOH F 3 . ? 9.583   4.304   -1.626  1.00 22.30 ? 70 HOH B O     1 
HETATM 324 O  O     . HOH F 3 . ? 3.905   14.225  6.408   1.00 11.66 ? 72 HOH B O     1 
HETATM 325 O  O     . HOH F 3 . ? -0.170  7.396   -2.058  1.00 24.50 ? 73 HOH B O     1 
HETATM 326 O  O     . HOH F 3 . ? -2.991  2.954   -6.368  1.00 13.25 ? 74 HOH B O     1 
HETATM 327 O  O     . HOH F 3 . ? 1.297   -2.427  -12.550 1.00 34.66 ? 75 HOH B O     1 
HETATM 328 O  O     . HOH F 3 . ? 1.078   2.850   -11.537 1.00 37.03 ? 77 HOH B O     1 
HETATM 329 O  O     . HOH F 3 . ? 8.861   2.063   -2.664  1.00 36.09 ? 81 HOH B O     1 
HETATM 330 O  O     . HOH F 3 . ? -1.639  -4.846  -2.592  1.00 19.68 ? 82 HOH B O     1 
HETATM 331 O  O     . HOH F 3 . ? 2.440   2.490   12.485  1.00 30.06 ? 87 HOH B O     1 
HETATM 332 O  O     . HOH F 3 . ? 2.250   -3.126  -15.572 1.00 36.63 ? 88 HOH B O     1 
HETATM 333 O  O     . HOH F 3 . ? 3.001   14.536  8.566   1.00 38.06 ? 89 HOH B O     1 
HETATM 334 O  O     . HOH F 3 . ? 4.802   13.884  4.338   1.00 27.53 ? 90 HOH B O     1 
HETATM 335 O  O     . HOH F 3 . ? 5.269   14.433  8.214   1.00 14.26 ? 92 HOH B O     1 
# 
loop_
_atom_site_anisotrop.id 
_atom_site_anisotrop.type_symbol 
_atom_site_anisotrop.pdbx_label_atom_id 
_atom_site_anisotrop.pdbx_label_alt_id 
_atom_site_anisotrop.pdbx_label_comp_id 
_atom_site_anisotrop.pdbx_label_asym_id 
_atom_site_anisotrop.pdbx_label_seq_id 
_atom_site_anisotrop.pdbx_PDB_ins_code 
_atom_site_anisotrop.U[1][1] 
_atom_site_anisotrop.U[2][2] 
_atom_site_anisotrop.U[3][3] 
_atom_site_anisotrop.U[1][2] 
_atom_site_anisotrop.U[1][3] 
_atom_site_anisotrop.U[2][3] 
_atom_site_anisotrop.U[1][1]_esd 
_atom_site_anisotrop.U[2][2]_esd 
_atom_site_anisotrop.U[3][3]_esd 
_atom_site_anisotrop.U[1][2]_esd 
_atom_site_anisotrop.U[1][3]_esd 
_atom_site_anisotrop.U[2][3]_esd 
_atom_site_anisotrop.pdbx_auth_seq_id 
_atom_site_anisotrop.pdbx_auth_comp_id 
_atom_site_anisotrop.pdbx_auth_asym_id 
_atom_site_anisotrop.pdbx_auth_atom_id 
1   O  "O5'" . DT  A 1 ? 0.0319 0.0233 0.0408 0.0039  0.0142  0.0005  0.0005 0.0003 0.0003 0.0003 0.0003 0.0003 1  DT  A "O5'" 
2   C  "C5'" . DT  A 1 ? 0.0246 0.0183 0.0231 0.0030  -0.0010 0.0005  0.0002 0.0003 0.0003 0.0002 0.0003 0.0002 1  DT  A "C5'" 
3   C  "C4'" . DT  A 1 ? 0.0205 0.0144 0.0165 0.0059  0.0018  -0.0039 0.0014 0.0019 0.0015 0.0015 0.0014 0.0017 1  DT  A "C4'" 
4   O  "O4'" . DT  A 1 ? 0.0165 0.0125 0.0135 0.0047  0.0038  -0.0052 0.0013 0.0015 0.0010 0.0009 0.0010 0.0012 1  DT  A "O4'" 
5   C  "C3'" . DT  A 1 ? 0.0236 0.0149 0.0212 0.0088  -0.0001 -0.0047 0.0016 0.0018 0.0017 0.0017 0.0014 0.0017 1  DT  A "C3'" 
6   O  "O3'" . DT  A 1 ? 0.0207 0.0256 0.0235 0.0089  0.0007  -0.0076 0.0017 0.0018 0.0016 0.0016 0.0014 0.0017 1  DT  A "O3'" 
7   C  "C2'" . DT  A 1 ? 0.0220 0.0131 0.0197 0.0067  -0.0003 -0.0062 0.0019 0.0002 0.0013 0.0016 0.0011 0.0018 1  DT  A "C2'" 
8   C  "C1'" . DT  A 1 ? 0.0162 0.0126 0.0166 0.0048  0.0022  -0.0050 0.0013 0.0019 0.0014 0.0015 0.0012 0.0014 1  DT  A "C1'" 
9   N  N1    . DT  A 1 ? 0.0153 0.0090 0.0140 0.0014  0.0017  -0.0045 0.0012 0.0014 0.0011 0.0014 0.0012 0.0012 1  DT  A N1    
10  C  C2    . DT  A 1 ? 0.0153 0.0108 0.0116 -0.0019 0.0035  -0.0063 0.0014 0.0014 0.0013 0.0017 0.0017 0.0013 1  DT  A C2    
11  O  O2    . DT  A 1 ? 0.0137 0.0115 0.0168 -0.0006 0.0040  -0.0050 0.0017 0.0013 0.0011 0.0013 0.0012 0.0013 1  DT  A O2    
12  N  N3    . DT  A 1 ? 0.0126 0.0081 0.0140 -0.0011 0.0013  -0.0037 0.0013 0.0012 0.0011 0.0013 0.0012 0.0012 1  DT  A N3    
13  C  C4    . DT  A 1 ? 0.0133 0.0051 0.0147 -0.0006 0.0023  -0.0027 0.0015 0.0013 0.0014 0.0015 0.0016 0.0012 1  DT  A C4    
14  O  O4    . DT  A 1 ? 0.0154 0.0105 0.0108 -0.0011 0.0027  -0.0068 0.0015 0.0014 0.0008 0.0009 0.0011 0.0012 1  DT  A O4    
15  C  C5    . DT  A 1 ? 0.0158 0.0035 0.0146 -0.0009 0.0027  -0.0022 0.0015 0.0013 0.0012 0.0014 0.0015 0.0011 1  DT  A C5    
16  C  C7    . DT  A 1 ? 0.0132 0.0043 0.0198 0.0004  -0.0001 -0.0015 0.0002 0.0013 0.0015 0.0016 0.0016 0.0014 1  DT  A C7    
17  C  C6    . DT  A 1 ? 0.0154 0.0091 0.0142 0.0007  0.0009  -0.0044 0.0016 0.0014 0.0014 0.0018 0.0016 0.0013 1  DT  A C6    
18  P  P     . DG  A 2 ? 0.0229 0.0253 0.0264 0.0112  -0.0001 -0.0056 0.0013 0.0015 0.0009 0.0013 0.0009 0.0012 2  DG  A P     
19  O  OP1   . DG  A 2 ? 0.0362 0.0238 0.0395 0.0191  0.0038  -0.0091 0.0003 0.0004 0.0015 0.0002 0.0002 0.0003 2  DG  A OP1   
20  O  OP2   . DG  A 2 ? 0.0199 0.0437 0.0236 0.0079  -0.0010 -0.0090 0.0003 0.0017 0.0003 0.0002 0.0002 0.0017 2  DG  A OP2   
21  O  "O5'" . DG  A 2 ? 0.0184 0.0173 0.0242 0.0083  0.0007  -0.0020 0.0016 0.0019 0.0010 0.0015 0.0010 0.0016 2  DG  A "O5'" 
22  C  "C5'" . DG  A 2 ? 0.0124 0.0154 0.0187 0.0027  -0.0019 0.0021  0.0019 0.0018 0.0011 0.0017 0.0014 0.0016 2  DG  A "C5'" 
23  C  "C4'" . DG  A 2 ? 0.0110 0.0117 0.0157 0.0016  0.0010  0.0032  0.0015 0.0011 0.0010 0.0009 0.0011 0.0014 2  DG  A "C4'" 
24  O  "O4'" . DG  A 2 ? 0.0130 0.0086 0.0140 0.0007  0.0017  0.0019  0.0010 0.0010 0.0010 0.0008 0.0010 0.0010 2  DG  A "O4'" 
25  C  "C3'" . DG  A 2 ? 0.0103 0.0104 0.0127 -0.0019 -0.0008 0.0055  0.0013 0.0010 0.0011 0.0009 0.0011 0.0010 2  DG  A "C3'" 
26  O  "O3'" . DG  A 2 ? 0.0086 0.0092 0.0170 0.0004  0.0011  0.0052  0.0010 0.0009 0.0010 0.0008 0.0009 0.0008 2  DG  A "O3'" 
27  C  "C2'" . DG  A 2 ? 0.0113 0.0053 0.0136 -0.0030 0.0008  0.0044  0.0013 0.0010 0.0011 0.0008 0.0013 0.0011 2  DG  A "C2'" 
28  C  "C1'" . DG  A 2 ? 0.0121 0.0071 0.0090 -0.0032 0.0009  0.0015  0.0012 0.0010 0.0011 0.0009 0.0013 0.0009 2  DG  A "C1'" 
29  N  N9    . DG  A 2 ? 0.0114 0.0075 0.0108 -0.0009 0.0000  0.0014  0.0010 0.0010 0.0012 0.0010 0.0010 0.0008 2  DG  A N9    
30  C  C8    . DG  A 2 ? 0.0112 0.0091 0.0108 -0.0015 -0.0003 -0.0002 0.0012 0.0011 0.0015 0.0015 0.0015 0.0010 2  DG  A C8    
31  N  N7    . DG  A 2 ? 0.0118 0.0084 0.0099 -0.0030 0.0011  0.0005  0.0013 0.0010 0.0012 0.0011 0.0013 0.0009 2  DG  A N7    
32  C  C5    . DG  A 2 ? 0.0119 0.0050 0.0097 -0.0028 0.0021  0.0013  0.0010 0.0011 0.0013 0.0012 0.0013 0.0009 2  DG  A C5    
33  C  C6    . DG  A 2 ? 0.0083 0.0064 0.0111 -0.0002 0.0017  0.0002  0.0012 0.0011 0.0013 0.0014 0.0013 0.0009 2  DG  A C6    
34  O  O6    . DG  A 2 ? 0.0093 0.0103 0.0123 0.0004  0.0027  -0.0016 0.0012 0.0010 0.0010 0.0010 0.0010 0.0009 2  DG  A O6    
35  N  N1    . DG  A 2 ? 0.0093 0.0052 0.0109 -0.0010 -0.0001 -0.0018 0.0012 0.0011 0.0010 0.0011 0.0010 0.0009 2  DG  A N1    
36  C  C2    . DG  A 2 ? 0.0073 0.0055 0.0113 -0.0009 -0.0002 -0.0038 0.0013 0.0012 0.0011 0.0012 0.0013 0.0010 2  DG  A C2    
37  N  N2    . DG  A 2 ? 0.0088 0.0093 0.0085 -0.0013 0.0021  -0.0001 0.0013 0.0011 0.0012 0.0010 0.0011 0.0009 2  DG  A N2    
38  N  N3    . DG  A 2 ? 0.0089 0.0065 0.0129 -0.0010 0.0003  -0.0006 0.0012 0.0011 0.0012 0.0010 0.0012 0.0010 2  DG  A N3    
39  C  C4    . DG  A 2 ? 0.0095 0.0098 0.0101 -0.0004 -0.0011 -0.0009 0.0011 0.0011 0.0013 0.0014 0.0013 0.0009 2  DG  A C4    
40  P  P     . DC  A 3 ? 0.0092 0.0110 0.0152 -0.0001 0.0014  0.0033  0.0005 0.0005 0.0006 0.0004 0.0005 0.0004 3  DC  A P     
41  O  OP1   . DC  A 3 ? 0.0115 0.0160 0.0244 -0.0039 0.0017  -0.0027 0.0002 0.0013 0.0012 0.0010 0.0015 0.0013 3  DC  A OP1   
42  O  OP2   . DC  A 3 ? 0.0113 0.0088 0.0157 0.0014  0.0010  0.0056  0.0009 0.0010 0.0013 0.0009 0.0009 0.0008 3  DC  A OP2   
43  O  "O5'" . DC  A 3 ? 0.0085 0.0068 0.0125 0.0016  0.0039  0.0030  0.0007 0.0009 0.0010 0.0007 0.0008 0.0007 3  DC  A "O5'" 
44  C  "C5'" . DC  A 3 ? 0.0068 0.0102 0.0082 0.0001  0.0057  0.0038  0.0008 0.0011 0.0014 0.0010 0.0010 0.0008 3  DC  A "C5'" 
45  C  "C4'" . DC  A 3 ? 0.0026 0.0052 0.0077 -0.0006 0.0023  -0.0004 0.0008 0.0008 0.0009 0.0007 0.0008 0.0008 3  DC  A "C4'" 
46  O  "O4'" . DC  A 3 ? 0.0034 0.0042 0.0068 -0.0001 0.0023  -0.0002 0.0007 0.0006 0.0007 0.0005 0.0006 0.0006 3  DC  A "O4'" 
47  C  "C3'" . DC  A 3 ? 0.0060 0.0061 0.0100 -0.0008 0.0014  -0.0024 0.0011 0.0008 0.0009 0.0008 0.0009 0.0008 3  DC  A "C3'" 
48  O  "O3'" . DC  A 3 ? 0.0067 0.0094 0.0076 -0.0017 0.0014  -0.0020 0.0008 0.0006 0.0008 0.0006 0.0007 0.0006 3  DC  A "O3'" 
49  C  "C2'" . DC  A 3 ? 0.0082 0.0057 0.0078 -0.0008 0.0022  -0.0014 0.0013 0.0008 0.0008 0.0008 0.0010 0.0009 3  DC  A "C2'" 
50  C  "C1'" . DC  A 3 ? 0.0051 0.0027 0.0064 0.0004  0.0014  0.0029  0.0009 0.0008 0.0009 0.0008 0.0008 0.0007 3  DC  A "C1'" 
51  N  N1    . DC  A 3 ? 0.0054 0.0044 0.0052 -0.0003 0.0021  0.0018  0.0008 0.0007 0.0008 0.0007 0.0008 0.0007 3  DC  A N1    
52  C  C2    . DC  A 3 ? 0.0045 0.0023 0.0056 0.0012  0.0018  0.0013  0.0009 0.0009 0.0010 0.0010 0.0010 0.0008 3  DC  A C2    
53  O  O2    . DC  A 3 ? 0.0043 0.0062 0.0067 0.0016  0.0005  0.0006  0.0008 0.0008 0.0007 0.0006 0.0007 0.0007 3  DC  A O2    
54  N  N3    . DC  A 3 ? 0.0058 0.0040 0.0034 -0.0006 0.0014  -0.0006 0.0008 0.0007 0.0007 0.0007 0.0007 0.0008 3  DC  A N3    
55  C  C4    . DC  A 3 ? 0.0044 0.0036 0.0043 -0.0002 0.0007  -0.0003 0.0009 0.0009 0.0010 0.0009 0.0009 0.0008 3  DC  A C4    
56  N  N4    . DC  A 3 ? 0.0051 0.0033 0.0065 -0.0004 0.0015  -0.0021 0.0009 0.0008 0.0007 0.0007 0.0007 0.0008 3  DC  A N4    
57  C  C5    . DC  A 3 ? 0.0051 0.0069 0.0045 0.0003  0.0003  0.0000  0.0010 0.0009 0.0011 0.0011 0.0010 0.0008 3  DC  A C5    
58  C  C6    . DC  A 3 ? 0.0054 0.0048 0.0048 0.0005  0.0021  0.0019  0.0009 0.0009 0.0011 0.0010 0.0009 0.0009 3  DC  A C6    
59  P  P     . DG  A 4 ? 0.0076 0.0095 0.0103 -0.0032 0.0016  -0.0024 0.0005 0.0004 0.0004 0.0003 0.0004 0.0004 4  DG  A P     
60  O  OP1   . DG  A 4 ? 0.0066 0.0088 0.0174 -0.0037 0.0024  -0.0050 0.0013 0.0008 0.0008 0.0007 0.0009 0.0009 4  DG  A OP1   
61  O  OP2   . DG  A 4 ? 0.0118 0.0148 0.0100 -0.0065 0.0020  0.0014  0.0008 0.0009 0.0013 0.0010 0.0009 0.0009 4  DG  A OP2   
62  O  "O5'" . DG  A 4 ? 0.0065 0.0060 0.0112 -0.0037 0.0005  -0.0013 0.0009 0.0007 0.0007 0.0006 0.0006 0.0007 4  DG  A "O5'" 
63  C  "C5'" . DG  A 4 ? 0.0072 0.0052 0.0070 -0.0015 0.0007  0.0030  0.0010 0.0011 0.0008 0.0010 0.0007 0.0009 4  DG  A "C5'" 
64  C  "C4'" . DG  A 4 ? 0.0036 0.0074 0.0069 -0.0005 0.0007  0.0007  0.0010 0.0010 0.0008 0.0009 0.0007 0.0008 4  DG  A "C4'" 
65  O  "O4'" . DG  A 4 ? 0.0037 0.0068 0.0066 -0.0008 0.0018  0.0013  0.0007 0.0007 0.0008 0.0006 0.0006 0.0006 4  DG  A "O4'" 
66  C  "C3'" . DG  A 4 ? 0.0067 0.0059 0.0087 -0.0023 0.0014  0.0003  0.0010 0.0010 0.0009 0.0010 0.0007 0.0009 4  DG  A "C3'" 
67  O  "O3'" . DG  A 4 ? 0.0041 0.0074 0.0090 -0.0014 0.0021  0.0016  0.0006 0.0006 0.0008 0.0006 0.0006 0.0006 4  DG  A "O3'" 
68  C  "C2'" . DG  A 4 ? 0.0073 0.0072 0.0098 -0.0029 0.0003  -0.0005 0.0012 0.0012 0.0009 0.0010 0.0009 0.0010 4  DG  A "C2'" 
70  N  N9    . DG  A 4 ? 0.0045 0.0055 0.0062 0.0006  0.0013  0.0015  0.0008 0.0008 0.0009 0.0007 0.0008 0.0006 4  DG  A N9    
71  C  C8    . DG  A 4 ? 0.0044 0.0089 0.0055 -0.0005 0.0008  0.0007  0.0009 0.0009 0.0012 0.0012 0.0011 0.0009 4  DG  A C8    
72  N  N7    . DG  A 4 ? 0.0050 0.0103 0.0057 -0.0013 0.0003  -0.0006 0.0009 0.0009 0.0010 0.0010 0.0009 0.0008 4  DG  A N7    
73  C  C5    . DG  A 4 ? 0.0056 0.0062 0.0041 -0.0014 0.0026  -0.0006 0.0010 0.0008 0.0010 0.0010 0.0010 0.0007 4  DG  A C5    
74  C  C6    . DG  A 4 ? 0.0044 0.0065 0.0032 -0.0021 0.0005  -0.0019 0.0009 0.0008 0.0010 0.0010 0.0010 0.0008 4  DG  A C6    
75  O  O6    . DG  A 4 ? 0.0053 0.0097 0.0043 -0.0036 0.0008  -0.0019 0.0008 0.0007 0.0008 0.0007 0.0007 0.0006 4  DG  A O6    
76  N  N1    . DG  A 4 ? 0.0035 0.0064 0.0047 -0.0015 0.0020  0.0009  0.0008 0.0008 0.0009 0.0008 0.0008 0.0007 4  DG  A N1    
77  C  C2    . DG  A 4 ? 0.0020 0.0038 0.0042 -0.0005 0.0019  -0.0004 0.0009 0.0008 0.0009 0.0009 0.0009 0.0007 4  DG  A C2    
78  N  N2    . DG  A 4 ? 0.0010 0.0060 0.0068 0.0014  0.0000  0.0003  0.0008 0.0008 0.0009 0.0007 0.0008 0.0007 4  DG  A N2    
79  N  N3    . DG  A 4 ? 0.0031 0.0065 0.0052 -0.0005 0.0029  0.0000  0.0008 0.0007 0.0008 0.0008 0.0008 0.0008 4  DG  A N3    
80  C  C4    . DG  A 4 ? 0.0040 0.0041 0.0046 -0.0001 0.0022  -0.0008 0.0008 0.0009 0.0009 0.0009 0.0009 0.0007 4  DG  A C4    
81  P  P     . DC  A 5 ? 0.0056 0.0055 0.0074 -0.0014 0.0010  -0.0010 0.0004 0.0004 0.0003 0.0003 0.0003 0.0003 5  DC  A P     
82  O  OP1   . DC  A 5 ? 0.0051 0.0056 0.0116 -0.0020 0.0017  0.0001  0.0009 0.0006 0.0008 0.0006 0.0007 0.0006 5  DC  A OP1   
83  O  OP2   . DC  A 5 ? 0.0068 0.0072 0.0070 -0.0032 0.0004  0.0004  0.0007 0.0007 0.0007 0.0006 0.0006 0.0006 5  DC  A OP2   
84  O  "O5'" . DC  A 5 ? 0.0040 0.0071 0.0087 -0.0001 0.0003  -0.0002 0.0008 0.0007 0.0007 0.0006 0.0006 0.0007 5  DC  A "O5'" 
85  C  "C5'" . DC  A 5 ? 0.0043 0.0077 0.0078 0.0002  0.0007  0.0003  0.0012 0.0009 0.0010 0.0009 0.0008 0.0009 5  DC  A "C5'" 
86  C  "C4'" . DC  A 5 ? 0.0041 0.0036 0.0074 -0.0006 0.0009  0.0002  0.0010 0.0008 0.0010 0.0007 0.0007 0.0006 5  DC  A "C4'" 
87  O  "O4'" . DC  A 5 ? 0.0060 0.0028 0.0063 -0.0015 0.0013  0.0003  0.0007 0.0007 0.0006 0.0006 0.0006 0.0006 5  DC  A "O4'" 
88  C  "C3'" . DC  A 5 ? 0.0049 0.0058 0.0069 -0.0022 0.0006  -0.0008 0.0008 0.0010 0.0010 0.0008 0.0008 0.0007 5  DC  A "C3'" 
89  O  "O3'" . DC  A 5 ? 0.0037 0.0076 0.0076 -0.0028 0.0009  0.0002  0.0006 0.0007 0.0008 0.0006 0.0006 0.0005 5  DC  A "O3'" 
90  C  "C2'" . DC  A 5 ? 0.0057 0.0056 0.0072 -0.0028 0.0010  -0.0014 0.0010 0.0010 0.0009 0.0008 0.0009 0.0008 5  DC  A "C2'" 
91  C  "C1'" . DC  A 5 ? 0.0065 0.0040 0.0074 -0.0032 0.0006  -0.0007 0.0009 0.0009 0.0009 0.0008 0.0009 0.0008 5  DC  A "C1'" 
92  N  N1    . DC  A 5 ? 0.0045 0.0061 0.0057 -0.0028 0.0018  0.0007  0.0008 0.0008 0.0009 0.0008 0.0008 0.0006 5  DC  A N1    
93  C  C2    . DC  A 5 ? 0.0023 0.0060 0.0063 -0.0016 0.0008  -0.0005 0.0010 0.0009 0.0010 0.0010 0.0011 0.0007 5  DC  A C2    
94  O  O2    . DC  A 5 ? 0.0033 0.0062 0.0071 -0.0014 0.0004  0.0015  0.0008 0.0008 0.0008 0.0006 0.0007 0.0006 5  DC  A O2    
95  N  N3    . DC  A 5 ? 0.0016 0.0059 0.0057 -0.0015 0.0010  -0.0004 0.0009 0.0008 0.0008 0.0007 0.0008 0.0006 5  DC  A N3    
96  C  C4    . DC  A 5 ? 0.0028 0.0049 0.0038 -0.0008 0.0014  -0.0026 0.0010 0.0009 0.0008 0.0009 0.0009 0.0008 5  DC  A C4    
97  N  N4    . DC  A 5 ? 0.0062 0.0053 0.0069 0.0005  0.0005  -0.0002 0.0009 0.0011 0.0009 0.0008 0.0009 0.0008 5  DC  A N4    
98  C  C5    . DC  A 5 ? 0.0023 0.0085 0.0064 -0.0004 0.0016  -0.0009 0.0009 0.0008 0.0011 0.0010 0.0011 0.0009 5  DC  A C5    
99  C  C6    . DC  A 5 ? 0.0055 0.0071 0.0054 -0.0024 0.0030  -0.0006 0.0010 0.0011 0.0011 0.0010 0.0012 0.0008 5  DC  A C6    
100 P  P     . DA  A 6 ? 0.0057 0.0085 0.0078 -0.0021 0.0009  0.0015  0.0004 0.0004 0.0004 0.0003 0.0003 0.0003 6  DA  A P     
101 O  OP1   . DA  A 6 ? 0.0086 0.0086 0.0054 -0.0006 -0.0014 0.0003  0.0007 0.0009 0.0007 0.0006 0.0007 0.0007 6  DA  A OP1   
102 O  OP2   . DA  A 6 ? 0.0052 0.0125 0.0112 -0.0012 -0.0017 0.0023  0.0008 0.0008 0.0012 0.0008 0.0009 0.0006 6  DA  A OP2   
103 O  "O5'" . DA  A 6 ? 0.0069 0.0056 0.0086 -0.0026 -0.0012 0.0002  0.0007 0.0008 0.0007 0.0006 0.0007 0.0006 6  DA  A "O5'" 
104 C  "C5'" . DA  A 6 ? 0.0108 0.0091 0.0100 0.0005  -0.0025 -0.0016 0.0013 0.0015 0.0008 0.0009 0.0012 0.0011 6  DA  A "C5'" 
105 C  "C4'" . DA  A 6 ? 0.0151 0.0076 0.0085 0.0011  -0.0026 -0.0026 0.0011 0.0016 0.0009 0.0009 0.0010 0.0012 6  DA  A "C4'" 
106 O  "O4'" . DA  A 6 ? 0.0097 0.0072 0.0082 -0.0011 -0.0032 -0.0028 0.0008 0.0010 0.0007 0.0007 0.0007 0.0008 6  DA  A "O4'" 
107 C  "C3'" . DA  A 6 ? 0.0142 0.0125 0.0117 0.0040  -0.0009 -0.0049 0.0014 0.0019 0.0010 0.0011 0.0011 0.0013 6  DA  A "C3'" 
108 O  "O3'" . DA  A 6 ? 0.0157 0.0149 0.0194 0.0053  -0.0052 -0.0031 0.0013 0.0002 0.0014 0.0016 0.0012 0.0015 6  DA  A "O3'" 
109 C  "C2'" . DA  A 6 ? 0.0170 0.0058 0.0101 -0.0016 -0.0004 -0.0030 0.0013 0.0019 0.0009 0.0012 0.0009 0.0012 6  DA  A "C2'" 
110 C  "C1'" . DA  A 6 ? 0.0087 0.0080 0.0088 -0.0037 0.0002  -0.0016 0.0009 0.0012 0.0011 0.0011 0.0010 0.0009 6  DA  A "C1'" 
111 N  N9    . DA  A 6 ? 0.0098 0.0093 0.0060 -0.0029 -0.0002 -0.0025 0.0008 0.0010 0.0009 0.0010 0.0009 0.0008 6  DA  A N9    
112 C  C8    . DA  A 6 ? 0.0083 0.0087 0.0089 -0.0033 -0.0003 -0.0014 0.0011 0.0010 0.0013 0.0012 0.0014 0.0008 6  DA  A C8    
113 N  N7    . DA  A 6 ? 0.0074 0.0059 0.0084 -0.0023 0.0003  -0.0020 0.0009 0.0009 0.0009 0.0009 0.0009 0.0008 6  DA  A N7    
114 C  C5    . DA  A 6 ? 0.0065 0.0094 0.0062 -0.0017 0.0004  -0.0017 0.0010 0.0009 0.0011 0.0011 0.0012 0.0008 6  DA  A C5    
115 C  C6    . DA  A 6 ? 0.0076 0.0073 0.0064 -0.0022 0.0012  -0.0009 0.0011 0.0010 0.0011 0.0012 0.0012 0.0009 6  DA  A C6    
116 N  N6    . DA  A 6 ? 0.0079 0.0102 0.0100 -0.0022 0.0004  0.0019  0.0010 0.0011 0.0014 0.0011 0.0012 0.0010 6  DA  A N6    
117 N  N1    . DA  A 6 ? 0.0070 0.0068 0.0081 -0.0023 0.0011  -0.0011 0.0011 0.0009 0.0010 0.0009 0.0011 0.0009 6  DA  A N1    
118 C  C2    . DA  A 6 ? 0.0075 0.0075 0.0082 -0.0005 0.0023  -0.0013 0.0012 0.0011 0.0012 0.0011 0.0014 0.0010 6  DA  A C2    
119 N  N3    . DA  A 6 ? 0.0095 0.0088 0.0060 -0.0010 0.0008  -0.0018 0.0012 0.0010 0.0010 0.0010 0.0010 0.0008 6  DA  A N3    
120 C  C4    . DA  A 6 ? 0.0093 0.0060 0.0084 -0.0019 0.0012  -0.0006 0.0011 0.0009 0.0011 0.0013 0.0012 0.0008 6  DA  A C4    
121 O  "O5'" . DT  B 1 ? 0.0165 0.0126 0.0085 -0.0020 -0.0027 -0.0005 0.0011 0.0016 0.0014 0.0012 0.0009 0.0011 7  DT  B "O5'" 
122 C  "C5'" . DT  B 1 ? 0.0101 0.0067 0.0093 -0.0009 -0.0015 -0.0005 0.0013 0.0015 0.0014 0.0011 0.0010 0.0010 7  DT  B "C5'" 
123 C  "C4'" . DT  B 1 ? 0.0084 0.0081 0.0068 -0.0011 0.0007  0.0000  0.0010 0.0009 0.0012 0.0009 0.0008 0.0009 7  DT  B "C4'" 
124 O  "O4'" . DT  B 1 ? 0.0079 0.0072 0.0091 -0.0016 -0.0003 0.0019  0.0008 0.0008 0.0009 0.0007 0.0007 0.0007 7  DT  B "O4'" 
125 C  "C3'" . DT  B 1 ? 0.0078 0.0087 0.0099 -0.0015 -0.0008 0.0006  0.0009 0.0009 0.0013 0.0009 0.0009 0.0009 7  DT  B "C3'" 
126 O  "O3'" . DT  B 1 ? 0.0118 0.0090 0.0118 0.0006  0.0008  0.0022  0.0008 0.0008 0.0010 0.0008 0.0008 0.0008 7  DT  B "O3'" 
127 C  "C2'" . DT  B 1 ? 0.0079 0.0068 0.0098 -0.0013 -0.0003 -0.0019 0.0013 0.0010 0.0010 0.0008 0.0010 0.0009 7  DT  B "C2'" 
128 C  "C1'" . DT  B 1 ? 0.0079 0.0053 0.0076 -0.0006 -0.0003 -0.0010 0.0012 0.0009 0.0009 0.0009 0.0010 0.0008 7  DT  B "C1'" 
129 N  N1    . DT  B 1 ? 0.0080 0.0072 0.0094 -0.0013 0.0016  -0.0016 0.0010 0.0008 0.0009 0.0009 0.0010 0.0008 7  DT  B N1    
130 C  C2    . DT  B 1 ? 0.0086 0.0041 0.0088 -0.0003 0.0012  -0.0029 0.0011 0.0010 0.0010 0.0012 0.0012 0.0010 7  DT  B C2    
131 O  O2    . DT  B 1 ? 0.0116 0.0097 0.0097 -0.0015 0.0011  0.0014  0.0010 0.0010 0.0011 0.0009 0.0010 0.0009 7  DT  B O2    
132 N  N3    . DT  B 1 ? 0.0078 0.0068 0.0103 -0.0002 0.0020  -0.0029 0.0011 0.0010 0.0009 0.0010 0.0011 0.0010 7  DT  B N3    
133 C  C4    . DT  B 1 ? 0.0056 0.0068 0.0096 -0.0003 0.0015  -0.0046 0.0012 0.0010 0.0010 0.0012 0.0013 0.0010 7  DT  B C4    
134 O  O4    . DT  B 1 ? 0.0049 0.0110 0.0102 -0.0010 0.0006  -0.0023 0.0011 0.0009 0.0009 0.0009 0.0009 0.0008 7  DT  B O4    
135 C  C5    . DT  B 1 ? 0.0082 0.0090 0.0061 -0.0023 0.0026  -0.0032 0.0011 0.0011 0.0011 0.0012 0.0012 0.0009 7  DT  B C5    
136 C  C7    . DT  B 1 ? 0.0089 0.0099 0.0121 0.0003  0.0026  -0.0002 0.0011 0.0014 0.0016 0.0013 0.0014 0.0011 7  DT  B C7    
137 C  C6    . DT  B 1 ? 0.0064 0.0075 0.0068 -0.0020 0.0006  -0.0031 0.0010 0.0011 0.0011 0.0011 0.0012 0.0009 7  DT  B C6    
138 P  P     . DG  B 2 ? 0.0156 0.0105 0.0138 0.0043  0.0056  0.0022  0.0006 0.0006 0.0005 0.0005 0.0005 0.0005 8  DG  B P     
139 O  OP1   . DG  B 2 ? 0.0164 0.0141 0.0203 0.0054  0.0101  -0.0037 0.0018 0.0014 0.0009 0.0008 0.0012 0.0015 8  DG  B OP1   
140 O  OP2   . DG  B 2 ? 0.0207 0.0117 0.0179 0.0050  0.0052  0.0088  0.0008 0.0018 0.0016 0.0014 0.0010 0.0009 8  DG  B OP2   
141 O  "O5'" . DG  B 2 ? 0.0120 0.0091 0.0093 0.0028  0.0010  0.0004  0.0009 0.0010 0.0007 0.0007 0.0008 0.0008 8  DG  B "O5'" 
142 C  "C5'" . DG  B 2 ? 0.0103 0.0072 0.0081 0.0007  -0.0023 0.0017  0.0010 0.0014 0.0008 0.0010 0.0010 0.0010 8  DG  B "C5'" 
143 C  "C4'" . DG  B 2 ? 0.0063 0.0073 0.0066 0.0003  -0.0016 0.0003  0.0008 0.0011 0.0007 0.0008 0.0007 0.0009 8  DG  B "C4'" 
144 O  "O4'" . DG  B 2 ? 0.0052 0.0063 0.0061 -0.0008 -0.0020 -0.0007 0.0007 0.0007 0.0007 0.0006 0.0005 0.0006 8  DG  B "O4'" 
145 C  "C3'" . DG  B 2 ? 0.0032 0.0084 0.0054 0.0005  0.0004  0.0002  0.0008 0.0010 0.0007 0.0008 0.0007 0.0008 8  DG  B "C3'" 
146 O  "O3'" . DG  B 2 ? 0.0025 0.0070 0.0066 0.0007  0.0011  0.0008  0.0007 0.0006 0.0006 0.0005 0.0006 0.0005 8  DG  B "O3'" 
147 C  "C2'" . DG  B 2 ? 0.0041 0.0070 0.0049 -0.0011 0.0004  -0.0007 0.0008 0.0009 0.0008 0.0009 0.0007 0.0008 8  DG  B "C2'" 
148 C  "C1'" . DG  B 2 ? 0.0042 0.0072 0.0044 0.0003  0.0008  -0.0006 0.0009 0.0009 0.0009 0.0010 0.0007 0.0008 8  DG  B "C1'" 
149 N  N9    . DG  B 2 ? 0.0050 0.0064 0.0028 -0.0018 0.0003  0.0008  0.0007 0.0007 0.0008 0.0007 0.0007 0.0006 8  DG  B N9    
150 C  C8    . DG  B 2 ? 0.0030 0.0087 0.0043 -0.0014 -0.0010 0.0011  0.0008 0.0008 0.0012 0.0010 0.0011 0.0007 8  DG  B C8    
151 N  N7    . DG  B 2 ? 0.0032 0.0053 0.0039 -0.0009 -0.0001 0.0009  0.0008 0.0008 0.0008 0.0007 0.0007 0.0006 8  DG  B N7    
152 C  C5    . DG  B 2 ? 0.0023 0.0053 0.0064 -0.0003 -0.0006 0.0011  0.0008 0.0007 0.0010 0.0009 0.0009 0.0007 8  DG  B C5    
153 C  C6    . DG  B 2 ? 0.0028 0.0057 0.0025 -0.0017 -0.0004 -0.0011 0.0009 0.0008 0.0009 0.0009 0.0009 0.0007 8  DG  B C6    
154 O  O6    . DG  B 2 ? 0.0049 0.0067 0.0036 -0.0014 0.0010  0.0011  0.0007 0.0007 0.0007 0.0006 0.0006 0.0006 8  DG  B O6    
155 N  N1    . DG  B 2 ? 0.0034 0.0054 0.0045 -0.0013 -0.0002 0.0006  0.0008 0.0008 0.0008 0.0007 0.0008 0.0006 8  DG  B N1    
156 C  C2    . DG  B 2 ? 0.0030 0.0052 0.0037 -0.0009 -0.0001 -0.0006 0.0009 0.0009 0.0010 0.0010 0.0009 0.0007 8  DG  B C2    
157 N  N2    . DG  B 2 ? 0.0058 0.0102 0.0037 -0.0027 -0.0022 -0.0003 0.0009 0.0010 0.0010 0.0008 0.0009 0.0008 8  DG  B N2    
158 N  N3    . DG  B 2 ? 0.0033 0.0032 0.0052 -0.0006 0.0004  0.0004  0.0008 0.0007 0.0007 0.0007 0.0007 0.0007 8  DG  B N3    
159 C  C4    . DG  B 2 ? 0.0037 0.0024 0.0045 -0.0002 0.0004  0.0001  0.0008 0.0008 0.0009 0.0008 0.0009 0.0007 8  DG  B C4    
160 P  P     . DC  B 3 ? 0.0038 0.0070 0.0065 -0.0003 0.0009  0.0005  0.0003 0.0003 0.0003 0.0003 0.0003 0.0003 9  DC  B P     
161 O  OP1   . DC  B 3 ? 0.0086 0.0071 0.0074 -0.0005 0.0009  0.0005  0.0007 0.0009 0.0008 0.0007 0.0006 0.0007 9  DC  B OP1   
162 O  OP2   . DC  B 3 ? 0.0027 0.0065 0.0080 -0.0002 0.0026  -0.0009 0.0007 0.0006 0.0007 0.0006 0.0006 0.0006 9  DC  B OP2   
163 O  "O5'" . DC  B 3 ? 0.0049 0.0082 0.0054 -0.0015 0.0018  -0.0009 0.0008 0.0006 0.0007 0.0006 0.0006 0.0006 9  DC  B "O5'" 
164 C  "C5'" . DC  B 3 ? 0.0047 0.0053 0.0055 -0.0006 0.0004  0.0009  0.0010 0.0007 0.0010 0.0008 0.0008 0.0008 9  DC  B "C5'" 
165 C  "C4'" . DC  B 3 ? 0.0040 0.0076 0.0045 -0.0004 0.0011  0.0004  0.0009 0.0008 0.0010 0.0007 0.0008 0.0007 9  DC  B "C4'" 
166 O  "O4'" . DC  B 3 ? 0.0038 0.0067 0.0049 0.0000  0.0013  -0.0008 0.0007 0.0006 0.0007 0.0005 0.0006 0.0006 9  DC  B "O4'" 
167 C  "C3'" . DC  B 3 ? 0.0021 0.0068 0.0061 -0.0002 0.0019  0.0006  0.0007 0.0009 0.0011 0.0007 0.0007 0.0006 9  DC  B "C3'" 
168 O  "O3'" . DC  B 3 ? 0.0032 0.0086 0.0054 -0.0013 0.0010  0.0003  0.0006 0.0006 0.0008 0.0006 0.0006 0.0005 9  DC  B "O3'" 
169 C  "C2'" . DC  B 3 ? 0.0043 0.0058 0.0057 -0.0005 0.0011  0.0012  0.0008 0.0010 0.0009 0.0008 0.0007 0.0008 9  DC  B "C2'" 
170 C  "C1'" . DC  B 3 ? 0.0013 0.0072 0.0044 0.0004  0.0008  -0.0014 0.0008 0.0009 0.0009 0.0007 0.0008 0.0008 9  DC  B "C1'" 
171 N  N1    . DC  B 3 ? 0.0019 0.0059 0.0041 -0.0016 0.0009  -0.0012 0.0007 0.0007 0.0008 0.0007 0.0007 0.0006 9  DC  B N1    
172 C  C2    . DC  B 3 ? 0.0025 0.0040 0.0036 -0.0005 0.0021  -0.0014 0.0009 0.0008 0.0008 0.0009 0.0009 0.0007 9  DC  B C2    
173 O  O2    . DC  B 3 ? 0.0020 0.0056 0.0060 -0.0008 0.0011  0.0004  0.0008 0.0007 0.0007 0.0006 0.0006 0.0006 9  DC  B O2    
174 N  N3    . DC  B 3 ? 0.0037 0.0053 0.0033 -0.0003 0.0016  -0.0017 0.0008 0.0008 0.0007 0.0007 0.0007 0.0007 9  DC  B N3    
175 C  C4    . DC  B 3 ? 0.0036 0.0060 0.0047 -0.0008 0.0012  -0.0015 0.0010 0.0009 0.0010 0.0010 0.0010 0.0008 9  DC  B C4    
176 N  N4    . DC  B 3 ? 0.0052 0.0055 0.0061 -0.0019 0.0026  0.0022  0.0009 0.0008 0.0010 0.0007 0.0009 0.0008 9  DC  B N4    
177 C  C5    . DC  B 3 ? 0.0036 0.0068 0.0045 -0.0010 0.0013  -0.0013 0.0009 0.0008 0.0010 0.0009 0.0010 0.0009 9  DC  B C5    
178 C  C6    . DC  B 3 ? 0.0028 0.0069 0.0044 -0.0020 0.0009  -0.0018 0.0009 0.0009 0.0010 0.0009 0.0010 0.0008 9  DC  B C6    
179 P  P     . DG  B 4 ? 0.0045 0.0072 0.0073 -0.0007 0.0007  0.0012  0.0003 0.0004 0.0004 0.0003 0.0003 0.0003 10 DG  B P     
180 O  OP1   . DG  B 4 ? 0.0066 0.0066 0.0097 0.0013  0.0019  0.0011  0.0008 0.0008 0.0008 0.0006 0.0007 0.0007 10 DG  B OP1   
181 O  OP2   . DG  B 4 ? 0.0054 0.0117 0.0062 -0.0013 0.0005  0.0029  0.0007 0.0007 0.0011 0.0006 0.0007 0.0006 10 DG  B OP2   
182 O  "O5'" . DG  B 4 ? 0.0048 0.0088 0.0064 -0.0011 0.0012  0.0000  0.0008 0.0007 0.0007 0.0005 0.0007 0.0006 10 DG  B "O5'" 
183 C  "C5'" . DG  B 4 ? 0.0030 0.0090 0.0080 -0.0017 0.0020  0.0004  0.0012 0.0010 0.0008 0.0007 0.0011 0.0009 10 DG  B "C5'" 
184 C  "C4'" . DG  B 4 ? 0.0034 0.0089 0.0068 -0.0004 0.0017  0.0003  0.0011 0.0010 0.0008 0.0007 0.0008 0.0007 10 DG  B "C4'" 
185 O  "O4'" . DG  B 4 ? 0.0019 0.0067 0.0104 -0.0006 0.0020  -0.0009 0.0008 0.0007 0.0007 0.0006 0.0007 0.0006 10 DG  B "O4'" 
186 C  "C3'" . DG  B 4 ? 0.0052 0.0121 0.0064 0.0011  0.0006  -0.0021 0.0012 0.0010 0.0009 0.0008 0.0009 0.0008 10 DG  B "C3'" 
187 O  "O3'" . DG  B 4 ? 0.0109 0.0128 0.0079 0.0022  -0.0018 -0.0029 0.0009 0.0008 0.0007 0.0007 0.0007 0.0008 10 DG  B "O3'" 
188 C  "C2'" . DG  B 4 ? 0.0092 0.0102 0.0063 0.0018  0.0025  -0.0026 0.0012 0.0013 0.0009 0.0009 0.0009 0.0009 10 DG  B "C2'" 
189 C  "C1'" . DG  B 4 ? 0.0067 0.0084 0.0048 0.0004  0.0033  0.0004  0.0008 0.0010 0.0010 0.0008 0.0009 0.0008 10 DG  B "C1'" 
190 N  N9    . DG  B 4 ? 0.0066 0.0063 0.0042 0.0007  0.0042  0.0000  0.0007 0.0008 0.0008 0.0008 0.0007 0.0007 10 DG  B N9    
191 C  C8    . DG  B 4 ? 0.0064 0.0051 0.0074 0.0015  0.0028  0.0003  0.0009 0.0009 0.0011 0.0010 0.0010 0.0008 10 DG  B C8    
192 N  N7    . DG  B 4 ? 0.0089 0.0069 0.0054 -0.0002 0.0038  0.0009  0.0009 0.0008 0.0009 0.0009 0.0009 0.0008 10 DG  B N7    
193 C  C5    . DG  B 4 ? 0.0064 0.0055 0.0052 0.0006  0.0021  -0.0004 0.0009 0.0009 0.0010 0.0010 0.0010 0.0007 10 DG  B C5    
194 C  C6    . DG  B 4 ? 0.0039 0.0071 0.0059 -0.0004 -0.0003 -0.0004 0.0010 0.0009 0.0012 0.0010 0.0011 0.0008 10 DG  B C6    
195 O  O6    . DG  B 4 ? 0.0058 0.0074 0.0067 -0.0004 -0.0009 0.0007  0.0008 0.0008 0.0008 0.0007 0.0007 0.0007 10 DG  B O6    
196 N  N1    . DG  B 4 ? 0.0036 0.0050 0.0060 0.0004  0.0009  -0.0017 0.0009 0.0007 0.0008 0.0007 0.0008 0.0008 10 DG  B N1    
197 C  C2    . DG  B 4 ? 0.0026 0.0085 0.0066 0.0012  -0.0002 -0.0015 0.0010 0.0009 0.0011 0.0010 0.0011 0.0009 10 DG  B C2    
198 N  N2    . DG  B 4 ? 0.0046 0.0067 0.0044 -0.0005 0.0002  -0.0017 0.0009 0.0008 0.0008 0.0008 0.0007 0.0008 10 DG  B N2    
199 N  N3    . DG  B 4 ? 0.0037 0.0063 0.0072 0.0023  0.0011  -0.0010 0.0009 0.0008 0.0008 0.0008 0.0008 0.0008 10 DG  B N3    
200 C  C4    . DG  B 4 ? 0.0047 0.0068 0.0059 0.0026  0.0019  0.0005  0.0009 0.0008 0.0011 0.0011 0.0010 0.0007 10 DG  B C4    
201 P  P     A DC  B 5 ? 0.0124 0.0125 0.0101 -0.0008 -0.0040 -0.0031 0.0008 0.0008 0.0009 0.0008 0.0007 0.0008 11 DC  B P     
202 P  P     B DC  B 5 ? 0.0082 0.0129 0.0097 0.0006  -0.0011 -0.0037 0.0010 0.0009 0.0008 0.0008 0.0008 0.0008 11 DC  B P     
203 O  OP1   A DC  B 5 ? 0.0089 0.0249 0.0150 0.0036  -0.0079 -0.0009 0.0010 0.0002 0.0003 0.0002 0.0013 0.0015 11 DC  B OP1   
204 O  OP1   B DC  B 5 ? 0.0082 0.0135 0.0074 -0.0034 -0.0013 -0.0059 0.0002 0.0015 0.0012 0.0012 0.0014 0.0018 11 DC  B OP1   
205 O  OP2   A DC  B 5 ? 0.0129 0.0102 0.0148 -0.0021 -0.0018 -0.0038 0.0002 0.0015 0.0013 0.0013 0.0014 0.0018 11 DC  B OP2   
206 O  OP2   B DC  B 5 ? 0.0141 0.0132 0.0061 -0.0012 0.0011  -0.0043 0.0012 0.0003 0.0019 0.0019 0.0015 0.0014 11 DC  B OP2   
207 O  "O5'" . DC  B 5 ? 0.0090 0.0121 0.0080 -0.0020 -0.0010 -0.0035 0.0010 0.0008 0.0009 0.0007 0.0007 0.0008 11 DC  B "O5'" 
208 C  "C5'" . DC  B 5 ? 0.0080 0.0132 0.0088 -0.0020 -0.0033 -0.0020 0.0011 0.0012 0.0014 0.0010 0.0011 0.0010 11 DC  B "C5'" 
209 C  "C4'" . DC  B 5 ? 0.0093 0.0110 0.0092 -0.0012 -0.0009 -0.0026 0.0011 0.0012 0.0012 0.0009 0.0010 0.0008 11 DC  B "C4'" 
210 O  "O4'" . DC  B 5 ? 0.0114 0.0104 0.0103 0.0002  -0.0019 -0.0030 0.0009 0.0011 0.0009 0.0008 0.0008 0.0009 11 DC  B "O4'" 
211 C  "C3'" . DC  B 5 ? 0.0126 0.0117 0.0088 -0.0026 -0.0021 -0.0032 0.0014 0.0009 0.0012 0.0012 0.0010 0.0010 11 DC  B "C3'" 
212 O  "O3'" . DC  B 5 ? 0.0151 0.0103 0.0080 -0.0033 -0.0003 -0.0020 0.0010 0.0009 0.0009 0.0009 0.0008 0.0008 11 DC  B "O3'" 
213 C  "C2'" . DC  B 5 ? 0.0145 0.0091 0.0111 -0.0025 -0.0029 -0.0028 0.0015 0.0014 0.0010 0.0013 0.0010 0.0012 11 DC  B "C2'" 
214 C  "C1'" . DC  B 5 ? 0.0092 0.0104 0.0107 -0.0012 -0.0036 -0.0047 0.0011 0.0013 0.0011 0.0012 0.0009 0.0011 11 DC  B "C1'" 
215 N  N1    . DC  B 5 ? 0.0088 0.0072 0.0107 0.0002  -0.0006 -0.0020 0.0011 0.0011 0.0010 0.0010 0.0010 0.0009 11 DC  B N1    
216 C  C2    . DC  B 5 ? 0.0074 0.0064 0.0084 -0.0003 -0.0004 -0.0042 0.0012 0.0012 0.0010 0.0013 0.0012 0.0010 11 DC  B C2    
217 O  O2    . DC  B 5 ? 0.0069 0.0101 0.0114 0.0007  -0.0006 -0.0027 0.0011 0.0010 0.0009 0.0009 0.0009 0.0009 11 DC  B O2    
218 N  N3    . DC  B 5 ? 0.0061 0.0059 0.0108 0.0013  -0.0004 -0.0029 0.0011 0.0011 0.0009 0.0010 0.0009 0.0008 11 DC  B N3    
219 C  C4    . DC  B 5 ? 0.0105 0.0047 0.0107 -0.0002 0.0024  -0.0010 0.0013 0.0012 0.0012 0.0014 0.0012 0.0010 11 DC  B C4    
220 N  N4    . DC  B 5 ? 0.0081 0.0071 0.0111 0.0012  0.0023  -0.0001 0.0013 0.0012 0.0011 0.0011 0.0010 0.0010 11 DC  B N4    
221 C  C5    . DC  B 5 ? 0.0095 0.0070 0.0128 0.0013  0.0006  -0.0007 0.0013 0.0013 0.0014 0.0014 0.0013 0.0012 11 DC  B C5    
222 C  C6    . DC  B 5 ? 0.0084 0.0061 0.0124 0.0035  -0.0007 -0.0017 0.0014 0.0013 0.0013 0.0015 0.0012 0.0010 11 DC  B C6    
223 P  P     . DA  B 6 ? 0.0108 0.0092 0.0109 -0.0010 -0.0003 -0.0031 0.0006 0.0005 0.0004 0.0004 0.0004 0.0004 12 DA  B P     
224 O  OP1   . DA  B 6 ? 0.0116 0.0080 0.0147 -0.0016 0.0017  -0.0044 0.0013 0.0010 0.0008 0.0008 0.0008 0.0009 12 DA  B OP1   
225 O  OP2   . DA  B 6 ? 0.0137 0.0138 0.0113 -0.0012 0.0011  -0.0003 0.0012 0.0010 0.0012 0.0010 0.0010 0.0008 12 DA  B OP2   
226 O  "O5'" . DA  B 6 ? 0.0105 0.0085 0.0111 -0.0010 -0.0011 -0.0032 0.0010 0.0010 0.0008 0.0008 0.0007 0.0008 12 DA  B "O5'" 
227 C  "C5'" . DA  B 6 ? 0.0091 0.0093 0.0128 -0.0017 -0.0005 -0.0034 0.0017 0.0014 0.0010 0.0010 0.0010 0.0013 12 DA  B "C5'" 
228 C  "C4'" . DA  B 6 ? 0.0118 0.0086 0.0128 -0.0001 0.0012  -0.0035 0.0016 0.0010 0.0009 0.0010 0.0009 0.0014 12 DA  B "C4'" 
229 O  "O4'" . DA  B 6 ? 0.0107 0.0080 0.0131 -0.0004 0.0001  -0.0025 0.0011 0.0009 0.0008 0.0008 0.0008 0.0009 12 DA  B "O4'" 
230 C  "C3'" . DA  B 6 ? 0.0109 0.0106 0.0162 -0.0014 0.0014  -0.0055 0.0019 0.0011 0.0010 0.0011 0.0012 0.0014 12 DA  B "C3'" 
231 O  "O3'" . DA  B 6 ? 0.0096 0.0137 0.0213 -0.0045 -0.0004 -0.0055 0.0018 0.0011 0.0013 0.0010 0.0012 0.0013 12 DA  B "O3'" 
232 C  "C2'" . DA  B 6 ? 0.0121 0.0079 0.0203 -0.0008 0.0000  -0.0035 0.0002 0.0013 0.0013 0.0012 0.0014 0.0012 12 DA  B "C2'" 
233 C  "C1'" . DA  B 6 ? 0.0117 0.0094 0.0133 -0.0022 0.0004  -0.0046 0.0017 0.0011 0.0010 0.0012 0.0013 0.0010 12 DA  B "C1'" 
234 N  N9    . DA  B 6 ? 0.0124 0.0084 0.0156 -0.0022 0.0007  -0.0030 0.0014 0.0010 0.0012 0.0012 0.0013 0.0010 12 DA  B N9    
235 C  C8    . DA  B 6 ? 0.0147 0.0103 0.0141 -0.0032 0.0013  -0.0019 0.0013 0.0013 0.0016 0.0018 0.0017 0.0011 12 DA  B C8    
236 N  N7    . DA  B 6 ? 0.0132 0.0114 0.0116 -0.0035 0.0011  -0.0045 0.0014 0.0011 0.0011 0.0012 0.0014 0.0012 12 DA  B N7    
237 C  C5    . DA  B 6 ? 0.0117 0.0065 0.0137 -0.0019 0.0013  -0.0049 0.0013 0.0012 0.0011 0.0013 0.0015 0.0011 12 DA  B C5    
238 C  C6    . DA  B 6 ? 0.0112 0.0064 0.0115 -0.0014 0.0034  -0.0037 0.0014 0.0013 0.0011 0.0014 0.0015 0.0011 12 DA  B C6    
239 N  N6    . DA  B 6 ? 0.0116 0.0135 0.0117 -0.0045 0.0018  -0.0028 0.0017 0.0012 0.0014 0.0013 0.0013 0.0012 12 DA  B N6    
240 N  N1    . DA  B 6 ? 0.0123 0.0104 0.0141 0.0014  0.0038  -0.0029 0.0013 0.0013 0.0012 0.0014 0.0013 0.0013 12 DA  B N1    
241 C  C2    . DA  B 6 ? 0.0136 0.0100 0.0133 0.0006  0.0044  -0.0029 0.0015 0.0014 0.0014 0.0017 0.0017 0.0014 12 DA  B C2    
242 N  N3    . DA  B 6 ? 0.0151 0.0082 0.0152 0.0004  0.0036  -0.0032 0.0015 0.0016 0.0012 0.0013 0.0016 0.0011 12 DA  B N3    
243 C  C4    . DA  B 6 ? 0.0112 0.0068 0.0135 -0.0015 0.0010  -0.0055 0.0013 0.0013 0.0012 0.0014 0.0016 0.0010 12 DA  B C4    
244 CO CO    . NCO C . ? 0.0104 0.0110 0.0093 -0.0016 0.0014  0.0011  0.0002 0.0002 0.0002 0.0002 0.0002 0.0002 13 NCO A CO    
245 N  N1    . NCO C . ? 0.0193 0.0095 0.0125 0.0014  0.0045  0.0051  0.0014 0.0018 0.0017 0.0015 0.0013 0.0014 13 NCO A N1    
246 N  N2    . NCO C . ? 0.0106 0.0243 0.0138 -0.0057 -0.0033 -0.0013 0.0002 0.0016 0.0002 0.0017 0.0019 0.0016 13 NCO A N2    
247 N  N3    . NCO C . ? 0.0146 0.0136 0.0084 0.0010  0.0018  -0.0016 0.0014 0.0017 0.0014 0.0013 0.0012 0.0014 13 NCO A N3    
248 N  N4    . NCO C . ? 0.0258 0.0211 0.0111 0.0179  -0.0132 -0.0055 0.0011 0.0005 0.0016 0.0002 0.0011 0.0018 13 NCO A N4    
249 N  N5    . NCO C . ? 0.0115 0.0129 0.0149 -0.0025 0.0002  0.0005  0.0017 0.0015 0.0017 0.0013 0.0015 0.0013 13 NCO A N5    
250 N  N6    . NCO C . ? 0.0078 0.0139 0.0153 -0.0031 0.0044  0.0083  0.0013 0.0010 0.0002 0.0012 0.0014 0.0010 13 NCO A N6    
251 CO CO    . NCO D . ? 0.0131 0.0128 0.0124 -0.0003 -0.0012 0.0019  0.0003 0.0003 0.0003 0.0003 0.0003 0.0002 14 NCO A CO    
252 N  N1    . NCO D . ? 0.0081 0.0132 0.0171 -0.0062 -0.0057 0.0028  0.0014 0.0012 0.0019 0.0013 0.0014 0.0012 14 NCO A N1    
253 N  N2    . NCO D . ? 0.0109 0.0111 0.0092 -0.0010 -0.0037 0.0011  0.0011 0.0014 0.0014 0.0012 0.0010 0.0010 14 NCO A N2    
254 N  N3    . NCO D . ? 0.0158 0.0201 0.0175 -0.0011 0.0014  0.0181  0.0011 0.0015 0.0004 0.0002 0.0017 0.0011 14 NCO A N3    
255 N  N4    . NCO D . ? 0.0198 0.0204 0.0095 -0.0076 0.0024  -0.0024 0.0002 0.0002 0.0019 0.0016 0.0018 0.0018 14 NCO A N4    
256 N  N5    . NCO D . ? 0.0091 0.0156 0.0162 -0.0036 -0.0001 0.0071  0.0014 0.0013 0.0002 0.0014 0.0016 0.0011 14 NCO A N5    
257 N  N6    . NCO D . ? 0.0169 0.0093 0.0073 0.0019  0.0022  0.0033  0.0011 0.0017 0.0014 0.0013 0.0010 0.0011 14 NCO A N6    
258 O  O     . HOH E . ? 0.0107 0.0133 0.0096 -0.0010 0.0000  0.0007  0.0010 0.0011 0.0011 0.0009 0.0009 0.0009 24 HOH A O     
259 O  O     . HOH E . ? 0.0051 0.0067 0.0064 -0.0007 0.0011  -0.0006 0.0008 0.0007 0.0007 0.0006 0.0006 0.0006 25 HOH A O     
260 O  O     . HOH E . ? 0.0054 0.0110 0.0080 -0.0010 -0.0010 -0.0026 0.0009 0.0008 0.0008 0.0007 0.0007 0.0007 26 HOH A O     
261 O  O     . HOH E . ? 0.0112 0.0114 0.0132 0.0005  -0.0051 -0.0011 0.0010 0.0013 0.0011 0.0010 0.0009 0.0009 27 HOH A O     
262 O  O     . HOH E . ? 0.0158 0.0159 0.0114 -0.0005 0.0036  -0.0032 0.0016 0.0014 0.0012 0.0011 0.0011 0.0013 29 HOH A O     
263 O  O     . HOH E . ? 0.0174 0.0148 0.0183 -0.0024 -0.0044 -0.0009 0.0016 0.0018 0.0016 0.0014 0.0013 0.0015 31 HOH A O     
264 O  O     . HOH E . ? 0.0158 0.0139 0.0154 -0.0045 0.0002  0.0038  0.0013 0.0013 0.0017 0.0013 0.0013 0.0012 34 HOH A O     
265 O  O     . HOH E . ? 0.0167 0.0076 0.0265 -0.0036 0.0013  -0.0005 0.0002 0.0015 0.0014 0.0012 0.0015 0.0015 35 HOH A O     
266 O  O     . HOH E . ? 0.0123 0.0122 0.0072 -0.0041 -0.0005 -0.0030 0.0011 0.0010 0.0009 0.0008 0.0008 0.0009 36 HOH A O     
267 O  O     . HOH E . ? 0.0134 0.0127 0.0120 -0.0083 0.0021  0.0010  0.0013 0.0010 0.0014 0.0010 0.0011 0.0010 37 HOH A O     
268 O  O     . HOH E . ? 0.0280 0.0288 0.0161 -0.0061 0.0094  0.0188  0.0016 0.0018 0.0004 0.0002 0.0002 0.0015 38 HOH A O     
269 O  O     . HOH E . ? 0.0118 0.0118 0.0178 -0.0018 -0.0011 0.0028  0.0012 0.0011 0.0015 0.0011 0.0012 0.0011 41 HOH A O     
270 O  O     . HOH E . ? 0.0200 0.0276 0.0255 -0.0036 0.0110  -0.0101 0.0004 0.0017 0.0017 0.0015 0.0002 0.0002 43 HOH A O     
271 O  O     . HOH E . ? 0.0235 0.0177 0.0183 0.0018  0.0024  0.0029  0.0018 0.0002 0.0002 0.0018 0.0016 0.0018 44 HOH A O     
272 O  O     . HOH E . ? 0.0182 0.0350 0.0327 0.0066  0.0061  0.0055  0.0003 0.0003 0.0004 0.0003 0.0003 0.0003 45 HOH A O     
273 O  O     . HOH E . ? 0.0251 0.0364 0.0101 -0.0193 0.0016  0.0096  0.0002 0.0014 0.0004 0.0002 0.0002 0.0015 46 HOH A O     
274 O  O     . HOH E . ? 0.0152 0.0220 0.0210 0.0051  -0.0016 0.0002  0.0017 0.0002 0.0002 0.0017 0.0016 0.0017 49 HOH A O     
275 O  O     . HOH E . ? 0.0130 0.0148 0.0204 0.0029  -0.0052 -0.0004 0.0014 0.0018 0.0016 0.0014 0.0012 0.0013 51 HOH A O     
276 O  O     . HOH E . ? 0.0102 0.0098 0.0135 -0.0025 0.0015  -0.0024 0.0012 0.0010 0.0009 0.0008 0.0009 0.0010 53 HOH A O     
277 O  O     . HOH E . ? 0.0279 0.0121 0.0228 0.0005  0.0049  -0.0068 0.0003 0.0003 0.0012 0.0014 0.0015 0.0002 55 HOH A O     
278 O  O     . HOH E . ? 0.0262 0.0248 0.0144 -0.0076 0.0063  0.0021  0.0002 0.0019 0.0003 0.0019 0.0002 0.0019 56 HOH A O     
279 O  O     . HOH E . ? 0.0414 0.0298 0.0298 -0.0074 -0.0064 0.0008  0.0004 0.0005 0.0004 0.0004 0.0003 0.0004 60 HOH A O     
280 O  O     . HOH E . ? 0.0454 0.0282 0.0304 0.0033  0.0163  0.0040  0.0005 0.0005 0.0004 0.0004 0.0004 0.0004 61 HOH A O     
281 O  O     . HOH E . ? 0.0398 0.0219 0.0253 -0.0004 -0.0026 -0.0062 0.0004 0.0004 0.0002 0.0003 0.0002 0.0004 63 HOH A O     
282 O  O     . HOH E . ? 0.0094 0.0188 0.0134 -0.0014 -0.0024 0.0011  0.0012 0.0011 0.0016 0.0012 0.0012 0.0010 65 HOH A O     
283 O  O     . HOH E . ? 0.0265 0.0415 0.0230 -0.0029 -0.0043 0.0007  0.0003 0.0004 0.0005 0.0003 0.0003 0.0003 68 HOH A O     
284 O  O     . HOH E . ? 0.0139 0.0155 0.0167 -0.0089 0.0045  -0.0076 0.0002 0.0010 0.0011 0.0009 0.0013 0.0012 71 HOH A O     
285 O  O     . HOH E . ? 0.0148 0.0252 0.0180 0.0001  0.0020  0.0061  0.0016 0.0016 0.0003 0.0017 0.0017 0.0014 76 HOH A O     
286 O  O     . HOH E . ? 0.0225 0.0194 0.0351 0.0022  -0.0033 -0.0007 0.0003 0.0003 0.0003 0.0002 0.0002 0.0003 78 HOH A O     
287 O  O     . HOH E . ? 0.0205 0.0341 0.0264 -0.0049 -0.0020 0.0026  0.0003 0.0002 0.0004 0.0003 0.0003 0.0002 79 HOH A O     
288 O  O     . HOH E . ? 0.0496 0.0409 0.0475 -0.0145 -0.0170 -0.0165 0.0007 0.0007 0.0005 0.0005 0.0005 0.0006 80 HOH A O     
289 O  O     . HOH E . ? 0.0345 0.0350 0.0376 -0.0020 -0.0067 -0.0130 0.0005 0.0005 0.0003 0.0003 0.0004 0.0005 83 HOH A O     
290 O  O     . HOH E . ? 0.0310 0.0331 0.0469 -0.0054 -0.0151 0.0025  0.0004 0.0005 0.0006 0.0004 0.0004 0.0004 84 HOH A O     
291 O  O     . HOH E . ? 0.0308 0.0386 0.0695 0.0197  -0.0107 -0.0004 0.0006 0.0007 0.0006 0.0005 0.0005 0.0005 85 HOH A O     
292 O  O     . HOH E . ? 0.0432 0.0527 0.0771 0.0253  -0.0045 -0.0154 0.0009 0.0009 0.0006 0.0006 0.0006 0.0007 86 HOH A O     
293 O  O     . HOH E . ? 0.0438 0.0379 0.0424 0.0032  0.0106  -0.0068 0.0007 0.0006 0.0004 0.0004 0.0005 0.0006 91 HOH A O     
294 O  O     . HOH F . ? 0.0052 0.0100 0.0085 0.0005  0.0024  0.0004  0.0009 0.0007 0.0009 0.0007 0.0007 0.0006 15 HOH B O     
295 O  O     . HOH F . ? 0.0073 0.0115 0.0087 -0.0002 -0.0001 0.0010  0.0008 0.0009 0.0010 0.0008 0.0008 0.0007 16 HOH B O     
296 O  O     . HOH F . ? 0.0093 0.0065 0.0121 -0.0012 -0.0009 0.0008  0.0009 0.0009 0.0009 0.0008 0.0008 0.0008 17 HOH B O     
297 O  O     . HOH F . ? 0.0158 0.0104 0.0069 -0.0042 -0.0019 -0.0007 0.0009 0.0012 0.0010 0.0009 0.0008 0.0009 18 HOH B O     
298 O  O     . HOH F . ? 0.0213 0.0271 0.0316 0.0117  -0.0115 -0.0062 0.0002 0.0004 0.0002 0.0003 0.0002 0.0003 19 HOH B O     
299 O  O     . HOH F . ? 0.0127 0.0120 0.0133 0.0000  0.0016  0.0052  0.0010 0.0011 0.0014 0.0011 0.0010 0.0009 20 HOH B O     
300 O  O     . HOH F . ? 0.0080 0.0103 0.0085 -0.0027 0.0029  0.0036  0.0009 0.0007 0.0011 0.0008 0.0008 0.0006 21 HOH B O     
301 O  O     . HOH F . ? 0.0378 0.0308 0.0224 -0.0024 0.0051  -0.0107 0.0005 0.0004 0.0002 0.0002 0.0003 0.0004 22 HOH B O     
302 O  O     . HOH F . ? 0.0071 0.0136 0.0141 0.0034  -0.0025 0.0033  0.0008 0.0011 0.0014 0.0010 0.0009 0.0008 23 HOH B O     
303 O  O     . HOH F . ? 0.0090 0.0082 0.0103 -0.0025 -0.0006 0.0004  0.0009 0.0009 0.0010 0.0008 0.0008 0.0008 28 HOH B O     
304 O  O     . HOH F . ? 0.0213 0.0083 0.0144 -0.0039 0.0009  0.0017  0.0014 0.0015 0.0012 0.0011 0.0011 0.0012 30 HOH B O     
305 O  O     . HOH F . ? 0.0190 0.0142 0.0151 0.0078  0.0048  0.0025  0.0014 0.0019 0.0015 0.0014 0.0012 0.0014 32 HOH B O     
306 O  O     . HOH F . ? 0.0141 0.0132 0.0143 0.0020  0.0031  0.0048  0.0012 0.0013 0.0015 0.0012 0.0011 0.0011 33 HOH B O     
307 O  O     . HOH F . ? 0.0222 0.0186 0.0232 -0.0017 -0.0032 -0.0031 0.0002 0.0002 0.0002 0.0017 0.0018 0.0002 39 HOH B O     
308 O  O     . HOH F . ? 0.0223 0.0250 0.0160 -0.0074 0.0052  0.0057  0.0002 0.0016 0.0003 0.0018 0.0002 0.0016 40 HOH B O     
309 O  O     . HOH F . ? 0.0299 0.0187 0.0151 -0.0075 -0.0060 0.0011  0.0017 0.0003 0.0002 0.0002 0.0016 0.0019 42 HOH B O     
310 O  O     . HOH F . ? 0.0346 0.0295 0.0170 0.0104  -0.0071 -0.0101 0.0002 0.0005 0.0019 0.0002 0.0017 0.0003 47 HOH B O     
311 O  O     . HOH F . ? 0.0246 0.0146 0.0247 -0.0006 0.0052  -0.0017 0.0003 0.0002 0.0018 0.0017 0.0018 0.0002 48 HOH B O     
312 O  O     . HOH F . ? 0.0101 0.0217 0.0277 0.0035  0.0024  -0.0005 0.0002 0.0015 0.0002 0.0015 0.0019 0.0016 50 HOH B O     
313 O  O     . HOH F . ? 0.0112 0.0068 0.0080 -0.0056 -0.0001 0.0004  0.0009 0.0008 0.0009 0.0007 0.0008 0.0007 52 HOH B O     
314 O  O     . HOH F . ? 0.0091 0.0169 0.0176 0.0015  -0.0029 0.0019  0.0012 0.0013 0.0016 0.0012 0.0012 0.0011 54 HOH B O     
315 O  O     . HOH F . ? 0.0305 0.0261 0.0354 0.0052  0.0129  -0.0048 0.0005 0.0003 0.0003 0.0003 0.0003 0.0004 57 HOH B O     
316 O  O     . HOH F . ? 0.0229 0.0190 0.0226 -0.0044 -0.0002 -0.0060 0.0003 0.0002 0.0017 0.0016 0.0018 0.0002 58 HOH B O     
317 O  O     . HOH F . ? 0.0272 0.0190 0.0418 -0.0031 0.0116  -0.0061 0.0006 0.0003 0.0002 0.0002 0.0003 0.0003 59 HOH B O     
318 O  O     . HOH F . ? 0.0287 0.0256 0.0197 0.0030  0.0044  0.0027  0.0002 0.0003 0.0003 0.0002 0.0002 0.0002 62 HOH B O     
319 O  O     . HOH F . ? 0.0039 0.0124 0.0087 -0.0027 0.0030  -0.0016 0.0010 0.0007 0.0009 0.0006 0.0008 0.0007 64 HOH B O     
320 O  O     . HOH F . ? 0.0237 0.0199 0.0150 -0.0011 -0.0017 -0.0008 0.0018 0.0002 0.0002 0.0017 0.0016 0.0018 66 HOH B O     
321 O  O     . HOH F . ? 0.0170 0.0218 0.0217 0.0036  -0.0052 0.0025  0.0016 0.0002 0.0002 0.0002 0.0017 0.0016 67 HOH B O     
322 O  O     . HOH F . ? 0.0136 0.0159 0.0372 -0.0087 0.0036  -0.0079 0.0004 0.0013 0.0017 0.0013 0.0002 0.0019 69 HOH B O     
323 O  O     . HOH F . ? 0.0182 0.0248 0.0420 0.0019  0.0085  0.0034  0.0004 0.0002 0.0004 0.0002 0.0003 0.0003 70 HOH B O     
324 O  O     . HOH F . ? 0.0172 0.0152 0.0118 0.0128  0.0118  -0.0030 0.0015 0.0016 0.0009 0.0010 0.0010 0.0014 72 HOH B O     
325 O  O     . HOH F . ? 0.0372 0.0362 0.0195 -0.0009 0.0023  0.0015  0.0003 0.0004 0.0004 0.0004 0.0003 0.0003 73 HOH B O     
326 O  O     . HOH F . ? 0.0155 0.0186 0.0161 -0.0041 0.0028  0.0027  0.0016 0.0014 0.0019 0.0014 0.0016 0.0013 74 HOH B O     
327 O  O     . HOH F . ? 0.0633 0.0463 0.0214 -0.0164 0.0097  -0.0034 0.0007 0.0006 0.0005 0.0005 0.0005 0.0005 75 HOH B O     
328 O  O     . HOH F . ? 0.0399 0.0675 0.0326 0.0062  0.0082  0.0050  0.0006 0.0006 0.0008 0.0006 0.0006 0.0005 77 HOH B O     
329 O  O     . HOH F . ? 0.0541 0.0584 0.0245 0.0045  0.0217  -0.0079 0.0008 0.0006 0.0005 0.0005 0.0005 0.0006 81 HOH B O     
330 O  O     . HOH F . ? 0.0242 0.0371 0.0137 -0.0120 -0.0009 0.0015  0.0003 0.0002 0.0004 0.0002 0.0003 0.0002 82 HOH B O     
331 O  O     . HOH F . ? 0.0577 0.0348 0.0225 -0.0190 0.0071  0.0024  0.0005 0.0005 0.0004 0.0004 0.0004 0.0004 87 HOH B O     
332 O  O     . HOH F . ? 0.0621 0.0406 0.0363 0.0005  0.0098  0.0043  0.0007 0.0008 0.0007 0.0006 0.0006 0.0007 88 HOH B O     
333 O  O     . HOH F . ? 0.0410 0.0308 0.0733 0.0254  -0.0059 -0.0008 0.0006 0.0008 0.0005 0.0005 0.0005 0.0005 89 HOH B O     
334 O  O     . HOH F . ? 0.0314 0.0368 0.0357 0.0042  0.0047  0.0086  0.0004 0.0004 0.0005 0.0004 0.0004 0.0004 90 HOH B O     
335 O  O     . HOH F . ? 0.0156 0.0130 0.0260 -0.0061 0.0038  -0.0053 0.0003 0.0014 0.0014 0.0011 0.0017 0.0016 92 HOH B O     
# 
loop_
_pdbx_poly_seq_scheme.asym_id 
_pdbx_poly_seq_scheme.entity_id 
_pdbx_poly_seq_scheme.seq_id 
_pdbx_poly_seq_scheme.mon_id 
_pdbx_poly_seq_scheme.ndb_seq_num 
_pdbx_poly_seq_scheme.pdb_seq_num 
_pdbx_poly_seq_scheme.auth_seq_num 
_pdbx_poly_seq_scheme.pdb_mon_id 
_pdbx_poly_seq_scheme.auth_mon_id 
_pdbx_poly_seq_scheme.pdb_strand_id 
_pdbx_poly_seq_scheme.pdb_ins_code 
_pdbx_poly_seq_scheme.hetero 
A 1 1 DT 1 1  1  DT T A . n 
A 1 2 DG 2 2  2  DG G A . n 
A 1 3 DC 3 3  3  DC C A . n 
A 1 4 DG 4 4  4  DG G A . n 
A 1 5 DC 5 5  5  DC C A . n 
A 1 6 DA 6 6  6  DA A A . n 
B 1 1 DT 1 7  7  DT T B . n 
B 1 2 DG 2 8  8  DG G B . n 
B 1 3 DC 3 9  9  DC C B . n 
B 1 4 DG 4 10 10 DG G B . n 
B 1 5 DC 5 11 11 DC C B . n 
B 1 6 DA 6 12 12 DA A B . n 
# 
loop_
_pdbx_nonpoly_scheme.asym_id 
_pdbx_nonpoly_scheme.entity_id 
_pdbx_nonpoly_scheme.mon_id 
_pdbx_nonpoly_scheme.ndb_seq_num 
_pdbx_nonpoly_scheme.pdb_seq_num 
_pdbx_nonpoly_scheme.auth_seq_num 
_pdbx_nonpoly_scheme.pdb_mon_id 
_pdbx_nonpoly_scheme.auth_mon_id 
_pdbx_nonpoly_scheme.pdb_strand_id 
_pdbx_nonpoly_scheme.pdb_ins_code 
C 2 NCO 1  13 13 NCO NCO A . 
D 2 NCO 1  14 14 NCO NCO A . 
E 3 HOH 1  24 24 HOH HOH A . 
E 3 HOH 2  25 25 HOH HOH A . 
E 3 HOH 3  26 26 HOH HOH A . 
E 3 HOH 4  27 27 HOH HOH A . 
E 3 HOH 5  29 29 HOH HOH A . 
E 3 HOH 6  31 31 HOH HOH A . 
E 3 HOH 7  34 34 HOH HOH A . 
E 3 HOH 8  35 35 HOH HOH A . 
E 3 HOH 9  36 36 HOH HOH A . 
E 3 HOH 10 37 37 HOH HOH A . 
E 3 HOH 11 38 38 HOH HOH A . 
E 3 HOH 12 41 41 HOH HOH A . 
E 3 HOH 13 43 43 HOH HOH A . 
E 3 HOH 14 44 44 HOH HOH A . 
E 3 HOH 15 45 45 HOH HOH A . 
E 3 HOH 16 46 46 HOH HOH A . 
E 3 HOH 17 49 49 HOH HOH A . 
E 3 HOH 18 51 51 HOH HOH A . 
E 3 HOH 19 53 53 HOH HOH A . 
E 3 HOH 20 55 55 HOH HOH A . 
E 3 HOH 21 56 56 HOH HOH A . 
E 3 HOH 22 60 60 HOH HOH A . 
E 3 HOH 23 61 61 HOH HOH A . 
E 3 HOH 24 63 63 HOH HOH A . 
E 3 HOH 25 65 65 HOH HOH A . 
E 3 HOH 26 68 68 HOH HOH A . 
E 3 HOH 27 71 71 HOH HOH A . 
E 3 HOH 28 76 76 HOH HOH A . 
E 3 HOH 29 78 78 HOH HOH A . 
E 3 HOH 30 79 79 HOH HOH A . 
E 3 HOH 31 80 80 HOH HOH A . 
E 3 HOH 32 83 83 HOH HOH A . 
E 3 HOH 33 84 84 HOH HOH A . 
E 3 HOH 34 85 85 HOH HOH A . 
E 3 HOH 35 86 86 HOH HOH A . 
E 3 HOH 36 91 91 HOH HOH A . 
F 3 HOH 1  15 15 HOH HOH B . 
F 3 HOH 2  16 16 HOH HOH B . 
F 3 HOH 3  17 17 HOH HOH B . 
F 3 HOH 4  18 18 HOH HOH B . 
F 3 HOH 5  19 19 HOH HOH B . 
F 3 HOH 6  20 20 HOH HOH B . 
F 3 HOH 7  21 21 HOH HOH B . 
F 3 HOH 8  22 22 HOH HOH B . 
F 3 HOH 9  23 23 HOH HOH B . 
F 3 HOH 10 28 28 HOH HOH B . 
F 3 HOH 11 30 30 HOH HOH B . 
F 3 HOH 12 32 32 HOH HOH B . 
F 3 HOH 13 33 33 HOH HOH B . 
F 3 HOH 14 39 39 HOH HOH B . 
F 3 HOH 15 40 40 HOH HOH B . 
F 3 HOH 16 42 42 HOH HOH B . 
F 3 HOH 17 47 47 HOH HOH B . 
F 3 HOH 18 48 48 HOH HOH B . 
F 3 HOH 19 50 50 HOH HOH B . 
F 3 HOH 20 52 52 HOH HOH B . 
F 3 HOH 21 54 54 HOH HOH B . 
F 3 HOH 22 57 57 HOH HOH B . 
F 3 HOH 23 58 58 HOH HOH B . 
F 3 HOH 24 59 59 HOH HOH B . 
F 3 HOH 25 62 62 HOH HOH B . 
F 3 HOH 26 64 64 HOH HOH B . 
F 3 HOH 27 66 66 HOH HOH B . 
F 3 HOH 28 67 67 HOH HOH B . 
F 3 HOH 29 69 69 HOH HOH B . 
F 3 HOH 30 70 70 HOH HOH B . 
F 3 HOH 31 72 72 HOH HOH B . 
F 3 HOH 32 73 73 HOH HOH B . 
F 3 HOH 33 74 74 HOH HOH B . 
F 3 HOH 34 75 75 HOH HOH B . 
F 3 HOH 35 77 77 HOH HOH B . 
F 3 HOH 36 81 81 HOH HOH B . 
F 3 HOH 37 82 82 HOH HOH B . 
F 3 HOH 38 87 87 HOH HOH B . 
F 3 HOH 39 88 88 HOH HOH B . 
F 3 HOH 40 89 89 HOH HOH B . 
F 3 HOH 41 90 90 HOH HOH B . 
F 3 HOH 42 92 92 HOH HOH B . 
# 
_pdbx_struct_assembly.id                   1 
_pdbx_struct_assembly.details              author_defined_assembly 
_pdbx_struct_assembly.method_details       ? 
_pdbx_struct_assembly.oligomeric_details   dimeric 
_pdbx_struct_assembly.oligomeric_count     2 
# 
_pdbx_struct_assembly_gen.assembly_id       1 
_pdbx_struct_assembly_gen.oper_expression   1 
_pdbx_struct_assembly_gen.asym_id_list      A,B,C,D,E,F 
# 
_pdbx_struct_oper_list.id                   1 
_pdbx_struct_oper_list.type                 'identity operation' 
_pdbx_struct_oper_list.name                 1_555 
_pdbx_struct_oper_list.symmetry_operation   x,y,z 
_pdbx_struct_oper_list.matrix[1][1]         1.0000000000 
_pdbx_struct_oper_list.matrix[1][2]         0.0000000000 
_pdbx_struct_oper_list.matrix[1][3]         0.0000000000 
_pdbx_struct_oper_list.vector[1]            0.0000000000 
_pdbx_struct_oper_list.matrix[2][1]         0.0000000000 
_pdbx_struct_oper_list.matrix[2][2]         1.0000000000 
_pdbx_struct_oper_list.matrix[2][3]         0.0000000000 
_pdbx_struct_oper_list.vector[2]            0.0000000000 
_pdbx_struct_oper_list.matrix[3][1]         0.0000000000 
_pdbx_struct_oper_list.matrix[3][2]         0.0000000000 
_pdbx_struct_oper_list.matrix[3][3]         1.0000000000 
_pdbx_struct_oper_list.vector[3]            0.0000000000 
# 
loop_
_pdbx_audit_revision_history.ordinal 
_pdbx_audit_revision_history.data_content_type 
_pdbx_audit_revision_history.major_revision 
_pdbx_audit_revision_history.minor_revision 
_pdbx_audit_revision_history.revision_date 
1 'Structure model' 1 0 1997-11-20 
2 'Structure model' 1 1 2008-05-22 
3 'Structure model' 1 2 2011-07-13 
4 'Structure model' 1 3 2023-08-02 
# 
_pdbx_audit_revision_details.ordinal             1 
_pdbx_audit_revision_details.revision_ordinal    1 
_pdbx_audit_revision_details.data_content_type   'Structure model' 
_pdbx_audit_revision_details.provider            repository 
_pdbx_audit_revision_details.type                'Initial release' 
_pdbx_audit_revision_details.description         ? 
_pdbx_audit_revision_details.details             ? 
# 
loop_
_pdbx_audit_revision_group.ordinal 
_pdbx_audit_revision_group.revision_ordinal 
_pdbx_audit_revision_group.data_content_type 
_pdbx_audit_revision_group.group 
1 2 'Structure model' 'Version format compliance' 
2 3 'Structure model' 'Version format compliance' 
3 4 'Structure model' 'Database references'       
4 4 'Structure model' 'Derived calculations'      
5 4 'Structure model' 'Refinement description'    
# 
loop_
_pdbx_audit_revision_category.ordinal 
_pdbx_audit_revision_category.revision_ordinal 
_pdbx_audit_revision_category.data_content_type 
_pdbx_audit_revision_category.category 
1 4 'Structure model' database_2                    
2 4 'Structure model' pdbx_initial_refinement_model 
3 4 'Structure model' struct_site                   
# 
loop_
_pdbx_audit_revision_item.ordinal 
_pdbx_audit_revision_item.revision_ordinal 
_pdbx_audit_revision_item.data_content_type 
_pdbx_audit_revision_item.item 
1 4 'Structure model' '_database_2.pdbx_DOI'                
2 4 'Structure model' '_database_2.pdbx_database_accession' 
3 4 'Structure model' '_struct_site.pdbx_auth_asym_id'      
4 4 'Structure model' '_struct_site.pdbx_auth_comp_id'      
5 4 'Structure model' '_struct_site.pdbx_auth_seq_id'       
# 
loop_
_refine_B_iso.class 
_refine_B_iso.details 
_refine_B_iso.treatment 
_refine_B_iso.pdbx_refine_id 
'ALL ATOMS'  TR anisotropic 'X-RAY DIFFRACTION' 
'ALL WATERS' TR anisotropic 'X-RAY DIFFRACTION' 
# 
loop_
_refine_occupancy.class 
_refine_occupancy.treatment 
_refine_occupancy.pdbx_refine_id 
'ALL ATOMS'  fix 'X-RAY DIFFRACTION' 
'ALL WATERS' fix 'X-RAY DIFFRACTION' 
# 
loop_
_software.name 
_software.classification 
_software.version 
_software.citation_id 
_software.pdbx_ordinal 
AMoRE     phasing          . ? 1 
SHELXL-96 refinement       . ? 2 
DENZO     'data reduction' . ? 3 
SCALEPACK 'data scaling'   . ? 4 
# 
loop_
_pdbx_validate_rmsd_bond.id 
_pdbx_validate_rmsd_bond.PDB_model_num 
_pdbx_validate_rmsd_bond.auth_atom_id_1 
_pdbx_validate_rmsd_bond.auth_asym_id_1 
_pdbx_validate_rmsd_bond.auth_comp_id_1 
_pdbx_validate_rmsd_bond.auth_seq_id_1 
_pdbx_validate_rmsd_bond.PDB_ins_code_1 
_pdbx_validate_rmsd_bond.label_alt_id_1 
_pdbx_validate_rmsd_bond.auth_atom_id_2 
_pdbx_validate_rmsd_bond.auth_asym_id_2 
_pdbx_validate_rmsd_bond.auth_comp_id_2 
_pdbx_validate_rmsd_bond.auth_seq_id_2 
_pdbx_validate_rmsd_bond.PDB_ins_code_2 
_pdbx_validate_rmsd_bond.label_alt_id_2 
_pdbx_validate_rmsd_bond.bond_value 
_pdbx_validate_rmsd_bond.bond_target_value 
_pdbx_validate_rmsd_bond.bond_deviation 
_pdbx_validate_rmsd_bond.bond_standard_deviation 
_pdbx_validate_rmsd_bond.linker_flag 
1  1 "C5'" A DT 1  ? ? "C4'" A DT 1  ? ? 1.582 1.512 0.070  0.007 N 
2  1 "O3'" A DT 1  ? ? "C3'" A DT 1  ? ? 1.550 1.435 0.115  0.013 N 
3  1 "C5'" A DG 2  ? ? "C4'" A DG 2  ? ? 1.556 1.512 0.044  0.007 N 
4  1 "O3'" A DG 2  ? ? "C3'" A DG 2  ? ? 1.513 1.435 0.078  0.013 N 
5  1 N1    A DG 2  ? ? C2    A DG 2  ? ? 1.428 1.373 0.055  0.008 N 
6  1 N7    A DG 2  ? ? C8    A DG 2  ? ? 1.255 1.305 -0.050 0.006 N 
7  1 C8    A DG 2  ? ? N9    A DG 2  ? ? 1.426 1.374 0.052  0.007 N 
8  1 C6    A DG 2  ? ? O6    A DG 2  ? ? 1.293 1.237 0.056  0.009 N 
9  1 C4    A DC 3  ? ? N4    A DC 3  ? ? 1.400 1.335 0.065  0.009 N 
10 1 C4    A DC 3  ? ? C5    A DC 3  ? ? 1.357 1.425 -0.068 0.008 N 
11 1 C5    A DC 3  ? ? C6    A DC 3  ? ? 1.403 1.339 0.064  0.008 N 
12 1 "O3'" A DG 4  ? ? "C3'" A DG 4  ? ? 1.514 1.435 0.079  0.013 N 
13 1 N3    A DG 4  ? ? C4    A DG 4  ? ? 1.405 1.350 0.055  0.007 N 
14 1 N7    A DG 4  ? ? C8    A DG 4  ? ? 1.267 1.305 -0.038 0.006 N 
15 1 N3    A DC 5  ? ? C4    A DC 5  ? ? 1.382 1.335 0.047  0.007 N 
16 1 "C5'" A DA 6  ? ? "C4'" A DA 6  ? ? 1.558 1.512 0.046  0.007 N 
17 1 "C2'" A DA 6  ? ? "C1'" A DA 6  ? ? 1.455 1.518 -0.063 0.010 N 
18 1 N3    A DA 6  ? ? C4    A DA 6  ? ? 1.423 1.344 0.079  0.006 N 
19 1 C4    A DA 6  ? ? C5    A DA 6  ? ? 1.314 1.383 -0.069 0.007 N 
20 1 C6    A DA 6  ? ? N1    A DA 6  ? ? 1.410 1.351 0.059  0.007 N 
21 1 C5    B DT 7  ? ? C7    B DT 7  ? ? 1.600 1.496 0.104  0.006 N 
22 1 C5    B DG 8  ? ? C6    B DG 8  ? ? 1.488 1.419 0.069  0.010 N 
23 1 N1    B DC 9  ? ? C6    B DC 9  ? ? 1.421 1.367 0.054  0.006 N 
24 1 C2    B DC 9  ? ? N3    B DC 9  ? ? 1.422 1.353 0.069  0.008 N 
25 1 N3    B DG 10 ? ? C4    B DG 10 ? ? 1.408 1.350 0.058  0.007 N 
26 1 C4    B DG 10 ? ? C5    B DG 10 ? ? 1.425 1.379 0.046  0.007 N 
27 1 C6    B DG 10 ? ? N1    B DG 10 ? ? 1.450 1.391 0.059  0.007 N 
28 1 C5    B DG 10 ? ? N7    B DG 10 ? ? 1.430 1.388 0.042  0.006 N 
29 1 N7    B DG 10 ? ? C8    B DG 10 ? ? 1.380 1.305 0.075  0.006 N 
30 1 "O3'" B DG 10 ? ? P     B DC 11 ? A 1.775 1.607 0.168  0.012 Y 
31 1 P     B DC 11 ? A "O5'" B DC 11 ? ? 1.490 1.593 -0.103 0.010 N 
32 1 P     B DC 11 ? B "O5'" B DC 11 ? ? 1.757 1.593 0.164  0.010 N 
33 1 C5    B DA 12 ? ? N7    B DA 12 ? ? 1.440 1.388 0.052  0.006 N 
# 
loop_
_pdbx_validate_rmsd_angle.id 
_pdbx_validate_rmsd_angle.PDB_model_num 
_pdbx_validate_rmsd_angle.auth_atom_id_1 
_pdbx_validate_rmsd_angle.auth_asym_id_1 
_pdbx_validate_rmsd_angle.auth_comp_id_1 
_pdbx_validate_rmsd_angle.auth_seq_id_1 
_pdbx_validate_rmsd_angle.PDB_ins_code_1 
_pdbx_validate_rmsd_angle.label_alt_id_1 
_pdbx_validate_rmsd_angle.auth_atom_id_2 
_pdbx_validate_rmsd_angle.auth_asym_id_2 
_pdbx_validate_rmsd_angle.auth_comp_id_2 
_pdbx_validate_rmsd_angle.auth_seq_id_2 
_pdbx_validate_rmsd_angle.PDB_ins_code_2 
_pdbx_validate_rmsd_angle.label_alt_id_2 
_pdbx_validate_rmsd_angle.auth_atom_id_3 
_pdbx_validate_rmsd_angle.auth_asym_id_3 
_pdbx_validate_rmsd_angle.auth_comp_id_3 
_pdbx_validate_rmsd_angle.auth_seq_id_3 
_pdbx_validate_rmsd_angle.PDB_ins_code_3 
_pdbx_validate_rmsd_angle.label_alt_id_3 
_pdbx_validate_rmsd_angle.angle_value 
_pdbx_validate_rmsd_angle.angle_target_value 
_pdbx_validate_rmsd_angle.angle_deviation 
_pdbx_validate_rmsd_angle.angle_standard_deviation 
_pdbx_validate_rmsd_angle.linker_flag 
1  1 "O5'" A DT 1  ? ? "C5'" A DT 1  ? ? "C4'" A DT 1  ? ? 103.52 109.40 -5.88  0.80 N 
2  1 "O4'" A DT 1  ? ? "C1'" A DT 1  ? ? N1    A DT 1  ? ? 112.32 108.30 4.02   0.30 N 
3  1 C6    A DT 1  ? ? N1    A DT 1  ? ? C2    A DT 1  ? ? 116.82 121.30 -4.48  0.50 N 
4  1 N1    A DT 1  ? ? C2    A DT 1  ? ? N3    A DT 1  ? ? 119.00 114.60 4.40   0.60 N 
5  1 C2    A DT 1  ? ? N3    A DT 1  ? ? C4    A DT 1  ? ? 123.16 127.20 -4.04  0.60 N 
6  1 C5    A DT 1  ? ? C6    A DT 1  ? ? N1    A DT 1  ? ? 128.46 123.70 4.76   0.60 N 
7  1 N3    A DT 1  ? ? C2    A DT 1  ? ? O2    A DT 1  ? ? 116.91 122.30 -5.39  0.60 N 
8  1 C5    A DG 2  ? ? C6    A DG 2  ? ? N1    A DG 2  ? ? 115.14 111.50 3.64   0.50 N 
9  1 N1    A DG 2  ? ? C2    A DG 2  ? ? N2    A DG 2  ? ? 109.16 116.20 -7.04  0.90 N 
10 1 N3    A DG 2  ? ? C2    A DG 2  ? ? N2    A DG 2  ? ? 127.04 119.90 7.14   0.70 N 
11 1 C5    A DG 2  ? ? C6    A DG 2  ? ? O6    A DG 2  ? ? 124.79 128.60 -3.81  0.60 N 
12 1 "O4'" A DC 3  ? ? "C1'" A DC 3  ? ? N1    A DC 3  ? ? 110.80 108.30 2.50   0.30 N 
13 1 C6    A DC 3  ? ? N1    A DC 3  ? ? C2    A DC 3  ? ? 123.59 120.30 3.29   0.40 N 
14 1 C2    A DC 3  ? ? N3    A DC 3  ? ? C4    A DC 3  ? ? 116.50 119.90 -3.40  0.50 N 
15 1 N3    A DC 3  ? ? C4    A DC 3  ? ? C5    A DC 3  ? ? 124.83 121.90 2.93   0.40 N 
16 1 C5    A DC 3  ? ? C6    A DC 3  ? ? N1    A DC 3  ? ? 116.17 121.00 -4.83  0.50 N 
17 1 C4    A DG 4  ? ? C5    A DG 4  ? ? N7    A DG 4  ? ? 108.27 110.80 -2.53  0.40 N 
18 1 C5    A DG 4  ? ? N7    A DG 4  ? ? C8    A DG 4  ? ? 107.43 104.30 3.13   0.50 N 
19 1 "C5'" A DA 6  ? ? "C4'" A DA 6  ? ? "C3'" A DA 6  ? ? 103.08 114.10 -11.02 1.80 N 
20 1 "C3'" A DA 6  ? ? "C2'" A DA 6  ? ? "C1'" A DA 6  ? ? 109.84 102.50 7.34   1.20 N 
21 1 C4    A DA 6  ? ? C5    A DA 6  ? ? C6    A DA 6  ? ? 124.08 117.00 7.08   0.50 N 
22 1 C5    A DA 6  ? ? C6    A DA 6  ? ? N1    A DA 6  ? ? 112.31 117.70 -5.39  0.50 N 
23 1 C6    A DA 6  ? ? C5    A DA 6  ? ? N7    A DA 6  ? ? 125.20 132.30 -7.10  0.70 N 
24 1 C6    B DT 7  ? ? N1    B DT 7  ? ? C2    B DT 7  ? ? 115.18 121.30 -6.12  0.50 N 
25 1 C2    B DT 7  ? ? N3    B DT 7  ? ? C4    B DT 7  ? ? 133.06 127.20 5.86   0.60 N 
26 1 N3    B DT 7  ? ? C4    B DT 7  ? ? C5    B DT 7  ? ? 109.90 115.20 -5.30  0.60 N 
27 1 N1    B DT 7  ? ? C2    B DT 7  ? ? O2    B DT 7  ? ? 116.84 123.10 -6.26  0.80 N 
28 1 N3    B DT 7  ? ? C2    B DT 7  ? ? O2    B DT 7  ? ? 127.09 122.30 4.79   0.60 N 
29 1 N3    B DT 7  ? ? C4    B DT 7  ? ? O4    B DT 7  ? ? 124.37 119.90 4.47   0.60 N 
30 1 "O4'" B DG 8  ? ? "C1'" B DG 8  ? ? N9    B DG 8  ? ? 110.90 108.30 2.60   0.30 N 
31 1 C4    B DG 8  ? ? C5    B DG 8  ? ? N7    B DG 8  ? ? 114.35 110.80 3.55   0.40 N 
32 1 C5    B DG 8  ? ? N7    B DG 8  ? ? C8    B DG 8  ? ? 100.55 104.30 -3.75  0.50 N 
33 1 C6    B DG 8  ? ? C5    B DG 8  ? ? N7    B DG 8  ? ? 125.34 130.40 -5.06  0.60 N 
34 1 "O4'" B DC 9  ? ? "C4'" B DC 9  ? ? "C3'" B DC 9  ? ? 109.85 106.00 3.85   0.60 N 
35 1 "O4'" B DG 10 ? ? "C1'" B DG 10 ? ? N9    B DG 10 ? ? 103.51 108.00 -4.49  0.70 N 
36 1 N1    B DG 10 ? ? C2    B DG 10 ? ? N3    B DG 10 ? ? 129.19 123.90 5.29   0.60 N 
37 1 N3    B DG 10 ? ? C4    B DG 10 ? ? C5    B DG 10 ? ? 124.97 128.60 -3.63  0.50 N 
38 1 C4    B DG 10 ? ? C5    B DG 10 ? ? C6    B DG 10 ? ? 122.78 118.80 3.98   0.60 N 
39 1 "C3'" B DG 10 ? ? "O3'" B DG 10 ? ? P     B DC 11 ? B 127.01 119.70 7.31   1.20 Y 
40 1 "O3'" B DG 10 ? ? P     B DC 11 ? B OP1   B DC 11 ? B 121.22 110.50 10.72  1.10 Y 
41 1 "O5'" B DC 11 ? ? P     B DC 11 ? A OP2   B DC 11 ? A 119.17 110.70 8.47   1.20 N 
42 1 "O4'" B DC 11 ? ? "C1'" B DC 11 ? ? "C2'" B DC 11 ? ? 100.49 105.90 -5.41  0.80 N 
43 1 N3    B DC 11 ? ? C4    B DC 11 ? ? C5    B DC 11 ? ? 118.51 121.90 -3.39  0.40 N 
44 1 C5    B DC 11 ? ? C6    B DC 11 ? ? N1    B DC 11 ? ? 124.32 121.00 3.32   0.50 N 
45 1 C2    B DA 12 ? ? N3    B DA 12 ? ? C4    B DA 12 ? ? 114.03 110.60 3.43   0.50 N 
46 1 N9    B DA 12 ? ? C4    B DA 12 ? ? C5    B DA 12 ? ? 108.50 105.80 2.70   0.40 N 
# 
_pdbx_validate_polymer_linkage.id               1 
_pdbx_validate_polymer_linkage.PDB_model_num    1 
_pdbx_validate_polymer_linkage.auth_atom_id_1   "O3'" 
_pdbx_validate_polymer_linkage.auth_asym_id_1   B 
_pdbx_validate_polymer_linkage.auth_comp_id_1   DG 
_pdbx_validate_polymer_linkage.auth_seq_id_1    10 
_pdbx_validate_polymer_linkage.PDB_ins_code_1   ? 
_pdbx_validate_polymer_linkage.label_alt_id_1   ? 
_pdbx_validate_polymer_linkage.auth_atom_id_2   P 
_pdbx_validate_polymer_linkage.auth_asym_id_2   B 
_pdbx_validate_polymer_linkage.auth_comp_id_2   DC 
_pdbx_validate_polymer_linkage.auth_seq_id_2    11 
_pdbx_validate_polymer_linkage.PDB_ins_code_2   ? 
_pdbx_validate_polymer_linkage.label_alt_id_2   A 
_pdbx_validate_polymer_linkage.dist             1.77 
# 
_ndb_struct_conf_na.entry_id   362D 
_ndb_struct_conf_na.feature    'z-form double helix' 
# 
loop_
_ndb_struct_na_base_pair.model_number 
_ndb_struct_na_base_pair.i_label_asym_id 
_ndb_struct_na_base_pair.i_label_comp_id 
_ndb_struct_na_base_pair.i_label_seq_id 
_ndb_struct_na_base_pair.i_symmetry 
_ndb_struct_na_base_pair.j_label_asym_id 
_ndb_struct_na_base_pair.j_label_comp_id 
_ndb_struct_na_base_pair.j_label_seq_id 
_ndb_struct_na_base_pair.j_symmetry 
_ndb_struct_na_base_pair.shear 
_ndb_struct_na_base_pair.stretch 
_ndb_struct_na_base_pair.stagger 
_ndb_struct_na_base_pair.buckle 
_ndb_struct_na_base_pair.propeller 
_ndb_struct_na_base_pair.opening 
_ndb_struct_na_base_pair.pair_number 
_ndb_struct_na_base_pair.pair_name 
_ndb_struct_na_base_pair.i_auth_asym_id 
_ndb_struct_na_base_pair.i_auth_seq_id 
_ndb_struct_na_base_pair.i_PDB_ins_code 
_ndb_struct_na_base_pair.j_auth_asym_id 
_ndb_struct_na_base_pair.j_auth_seq_id 
_ndb_struct_na_base_pair.j_PDB_ins_code 
_ndb_struct_na_base_pair.hbond_type_28 
_ndb_struct_na_base_pair.hbond_type_12 
1 A DT 1 1_555 B DA 6 1_555 0.045  -0.017 0.078  3.972  0.169  1.552  1 A_DT1:DA12_B A 1 ? B 12 ? 20 1 
1 A DG 2 1_555 B DC 5 1_555 0.347  -0.063 0.215  -1.275 7.199  2.953  2 A_DG2:DC11_B A 2 ? B 11 ? 19 1 
1 A DC 3 1_555 B DG 4 1_555 -0.183 -0.059 0.155  -1.940 0.821  2.375  3 A_DC3:DG10_B A 3 ? B 10 ? 19 1 
1 A DG 4 1_555 B DC 3 1_555 0.273  -0.034 -0.060 -1.811 -1.475 2.901  4 A_DG4:DC9_B  A 4 ? B 9  ? 19 1 
1 A DC 5 1_555 B DG 2 1_555 -0.285 -0.050 0.031  7.873  -5.674 0.548  5 A_DC5:DG8_B  A 5 ? B 8  ? 19 1 
1 A DA 6 1_555 B DT 1 1_555 0.104  -0.064 -0.016 -8.651 -2.529 -1.085 6 A_DA6:DT7_B  A 6 ? B 7  ? 20 1 
# 
loop_
_ndb_struct_na_base_pair_step.model_number 
_ndb_struct_na_base_pair_step.i_label_asym_id_1 
_ndb_struct_na_base_pair_step.i_label_comp_id_1 
_ndb_struct_na_base_pair_step.i_label_seq_id_1 
_ndb_struct_na_base_pair_step.i_symmetry_1 
_ndb_struct_na_base_pair_step.j_label_asym_id_1 
_ndb_struct_na_base_pair_step.j_label_comp_id_1 
_ndb_struct_na_base_pair_step.j_label_seq_id_1 
_ndb_struct_na_base_pair_step.j_symmetry_1 
_ndb_struct_na_base_pair_step.i_label_asym_id_2 
_ndb_struct_na_base_pair_step.i_label_comp_id_2 
_ndb_struct_na_base_pair_step.i_label_seq_id_2 
_ndb_struct_na_base_pair_step.i_symmetry_2 
_ndb_struct_na_base_pair_step.j_label_asym_id_2 
_ndb_struct_na_base_pair_step.j_label_comp_id_2 
_ndb_struct_na_base_pair_step.j_label_seq_id_2 
_ndb_struct_na_base_pair_step.j_symmetry_2 
_ndb_struct_na_base_pair_step.shift 
_ndb_struct_na_base_pair_step.slide 
_ndb_struct_na_base_pair_step.rise 
_ndb_struct_na_base_pair_step.tilt 
_ndb_struct_na_base_pair_step.roll 
_ndb_struct_na_base_pair_step.twist 
_ndb_struct_na_base_pair_step.x_displacement 
_ndb_struct_na_base_pair_step.y_displacement 
_ndb_struct_na_base_pair_step.helical_rise 
_ndb_struct_na_base_pair_step.inclination 
_ndb_struct_na_base_pair_step.tip 
_ndb_struct_na_base_pair_step.helical_twist 
_ndb_struct_na_base_pair_step.step_number 
_ndb_struct_na_base_pair_step.step_name 
_ndb_struct_na_base_pair_step.i_auth_asym_id_1 
_ndb_struct_na_base_pair_step.i_auth_seq_id_1 
_ndb_struct_na_base_pair_step.i_PDB_ins_code_1 
_ndb_struct_na_base_pair_step.j_auth_asym_id_1 
_ndb_struct_na_base_pair_step.j_auth_seq_id_1 
_ndb_struct_na_base_pair_step.j_PDB_ins_code_1 
_ndb_struct_na_base_pair_step.i_auth_asym_id_2 
_ndb_struct_na_base_pair_step.i_auth_seq_id_2 
_ndb_struct_na_base_pair_step.i_PDB_ins_code_2 
_ndb_struct_na_base_pair_step.j_auth_asym_id_2 
_ndb_struct_na_base_pair_step.j_auth_seq_id_2 
_ndb_struct_na_base_pair_step.j_PDB_ins_code_2 
1 A DT 1 1_555 B DA 6 1_555 A DG 2 1_555 B DC 5 1_555 0.266  5.456  3.717 3.670  2.657  -13.126 -25.053 4.529  2.405 -11.196 
15.466 -13.883 1 AA_DT1DG2:DC11DA12_BB A 1 ? B 12 ? A 2 ? B 11 ? 
1 A DG 2 1_555 B DC 5 1_555 A DC 3 1_555 B DG 4 1_555 -0.360 -0.713 3.520 0.606  -0.804 -55.780 0.812   -0.347 3.514 0.859   0.648 
-55.789 2 AA_DG2DC3:DG10DC11_BB A 2 ? B 11 ? A 3 ? B 10 ? 
1 A DC 3 1_555 B DG 4 1_555 A DG 4 1_555 B DC 3 1_555 0.054  5.343  3.535 -0.819 -1.426 -7.737  -33.485 -2.627 4.425 10.411  
-5.982 -7.910  3 AA_DC3DG4:DC9DG10_BB  A 3 ? B 10 ? A 4 ? B 9  ? 
1 A DG 4 1_555 B DC 3 1_555 A DC 5 1_555 B DG 2 1_555 -0.185 -1.468 3.238 -0.984 -6.627 -49.101 2.224   -0.291 3.024 7.932   
-1.178 -49.528 4 AA_DG4DC5:DG8DC9_BB   A 4 ? B 9  ? A 5 ? B 8  ? 
1 A DC 5 1_555 B DG 2 1_555 A DA 6 1_555 B DT 1 1_555 -0.164 5.145  3.848 2.147  -7.319 -8.586  -7.467  4.536  6.185 39.998  
11.735 -11.480 5 AA_DC5DA6:DT7DG8_BB   A 5 ? B 8  ? A 6 ? B 7  ? 
# 
loop_
_pdbx_entity_nonpoly.entity_id 
_pdbx_entity_nonpoly.name 
_pdbx_entity_nonpoly.comp_id 
2 'COBALT HEXAMMINE(III)' NCO 
3 water                   HOH 
# 
_pdbx_initial_refinement_model.id               1 
_pdbx_initial_refinement_model.entity_id_list   ? 
_pdbx_initial_refinement_model.type             'experimental model' 
_pdbx_initial_refinement_model.source_name      PDB 
_pdbx_initial_refinement_model.accession_code   1DCG 
_pdbx_initial_refinement_model.details          'MODIFIED NDB ENTRY ZDF002 (PDB ENTRY 1DCG)' 
# 
